data_6W2C
#
_entry.id   6W2C
#
_cell.length_a   126.990
_cell.length_b   159.950
_cell.length_c   140.970
_cell.angle_alpha   90.000
_cell.angle_beta   90.000
_cell.angle_gamma   90.000
#
_symmetry.space_group_name_H-M   'C 2 2 21'
#
loop_
_entity.id
_entity.type
_entity.pdbx_description
1 polymer 'Sodium-dependent serotonin transporter'
2 polymer '8B6 heavy chain antibody fragment'
3 polymer '8B6 light chain antibody fragment'
4 non-polymer I-paroxetine
#
loop_
_entity_poly.entity_id
_entity_poly.type
_entity_poly.pdbx_seq_one_letter_code
_entity_poly.pdbx_strand_id
1 'polypeptide(L)'
;GSQGERETWGKKVDFLLSVIGYAVDLGNVWRFPYICAQNGGGAFLLPYTIMAIFGGIPLFYMELALGQYHRNGCISIWRK
ICPIFKGIGYAICIIAFYIASYYNTIMAWALYYLISSFTDQLPWTSCKNSWNTGNCTNYFSEDNITWTLHSTSPAEEFYT
RHVLQIHRSKGLQDLGGISWQLALCIMLIFTVIYFSIWKGVKTSGKVVWVTATFPYIALSVLLVRGATLPGAWRGVLFYL
KPNWQKLLETGVWIDAAAQIFFSLGPGFGVLLAFASYNKFNNNCYQDALVTSVVNCMTSFVSGFVIFTVLGYMAEMRNED
VSEVAKDAGPSLLFITYAEAIANMPASTFFAIIFFLMLITLGLDSTFAGLEGVITAVLDEFPHVWAKRRERFVLAVVITC
FFGSLVTLTFGGAYVVKLLEEYATGPAVLTVALIEAVAVSWFYGITQFCRDVKEMLGFSPGWFWRICWVAISPLFLLFII
ASFLMSPPQLRLFQYNYPYWSIILGYAIGTSSFICIPTYIAYRLIITPGTFKERIIKSITPETPTLVPR
;
A
2 'polypeptide(L)'
;EVQLQQSGPELVKPGASVKISCKASGYTFTDYYMNWVKQSHGKSLEWIGNINPNNGGTSYNQKFKGKATLTVDKSSTTAY
MELRSLTSEDSAVYYCTRSPVRPYYFDYWGQGTTLTVSSAKTTPPSVYPLAPGCGDTTGSSVTLGCLVKGYFPESVTVTW
NSGSLSSSVHTFPALLQSGLYTMSSSVTVPSSTWPSQTVTCSVAHPASSTTVDKKLEPRGSHHHHHHHH
;
B
3 'polypeptide(L)'
;DIVMTQSHKFMSTSVGDRVSITCKASQDVSTAVAWYQQKPGQSPKLLIYSASYRYTGVPDRFTGSGSGTDFTFTISSVQA
EDLAVYYCQQHYSIPRTFGGGTKLEIKRADAAPTVSIFPPSSEQLTSGGASVVCFLNNFYPKDINVKWKIDGSERQNGVL
NSWTDQDSKDSTYSMSSTLTLTKDEYERHNSYTCEATHKTSTSPIVKSFNRNEC
;
C
#
loop_
_chem_comp.id
_chem_comp.type
_chem_comp.name
_chem_comp.formula
RFY non-polymer I-paroxetine 'C19 H20 I N O3'
#
# COMPACT_ATOMS: atom_id res chain seq x y z
N GLY A 1 -21.32 36.58 29.85
CA GLY A 1 -20.87 37.38 28.73
C GLY A 1 -20.07 36.57 27.72
N SER A 2 -19.39 37.28 26.82
CA SER A 2 -18.57 36.68 25.76
C SER A 2 -19.45 35.70 24.99
N GLN A 3 -19.04 34.44 24.83
CA GLN A 3 -19.87 33.48 24.11
C GLN A 3 -21.16 33.17 24.87
N GLY A 4 -21.03 32.69 26.10
CA GLY A 4 -22.17 32.41 26.95
C GLY A 4 -23.04 31.31 26.39
N GLU A 5 -24.25 31.65 25.94
CA GLU A 5 -25.15 30.65 25.39
C GLU A 5 -24.58 30.08 24.10
N ARG A 6 -24.87 28.81 23.85
CA ARG A 6 -24.35 28.15 22.67
C ARG A 6 -25.15 28.61 21.44
N GLU A 7 -24.66 28.23 20.25
CA GLU A 7 -25.33 28.61 19.01
C GLU A 7 -26.55 27.71 18.77
N THR A 8 -27.36 28.09 17.77
CA THR A 8 -28.54 27.28 17.48
C THR A 8 -28.54 26.89 16.01
N TRP A 9 -29.15 25.63 15.47
CA TRP A 9 -29.20 25.16 14.09
C TRP A 9 -30.03 26.10 13.22
N GLY A 10 -29.80 26.08 11.91
CA GLY A 10 -30.52 26.95 11.00
C GLY A 10 -31.94 26.58 10.57
N LYS A 11 -32.32 25.31 10.70
CA LYS A 11 -33.66 24.81 10.36
C LYS A 11 -33.86 23.42 10.93
N LYS A 12 -35.13 23.03 11.08
CA LYS A 12 -35.49 21.71 11.59
C LYS A 12 -35.06 20.59 10.63
N VAL A 13 -35.30 20.79 9.33
CA VAL A 13 -35.02 19.79 8.31
C VAL A 13 -33.52 19.52 8.18
N ASP A 14 -32.68 20.53 8.46
CA ASP A 14 -31.24 20.36 8.34
C ASP A 14 -30.71 19.32 9.33
N PHE A 15 -31.20 19.49 10.68
CA PHE A 15 -30.83 18.55 11.73
C PHE A 15 -31.55 17.23 11.49
N LEU A 16 -32.68 17.11 10.91
CA LEU A 16 -33.33 15.84 10.64
C LEU A 16 -32.53 15.06 9.60
N LEU A 17 -32.26 15.70 8.47
CA LEU A 17 -31.44 15.11 7.42
C LEU A 17 -29.99 14.95 7.84
N SER A 18 -29.54 15.71 8.85
CA SER A 18 -28.16 15.61 9.33
C SER A 18 -27.97 14.34 10.15
N VAL A 19 -28.89 14.07 11.08
CA VAL A 19 -28.79 12.84 11.87
C VAL A 19 -29.08 11.66 10.96
N ILE A 20 -29.92 11.86 9.94
CA ILE A 20 -30.13 10.82 8.94
C ILE A 20 -28.84 10.59 8.18
N GLY A 21 -28.10 11.66 7.90
CA GLY A 21 -26.83 11.54 7.19
C GLY A 21 -25.81 10.76 7.98
N TYR A 22 -25.74 10.99 9.29
CA TYR A 22 -24.87 10.16 10.12
C TYR A 22 -25.35 8.71 10.12
N ALA A 23 -26.66 8.49 10.24
CA ALA A 23 -27.18 7.13 10.36
C ALA A 23 -26.93 6.29 9.09
N VAL A 24 -27.04 6.90 7.91
CA VAL A 24 -26.99 6.18 6.63
C VAL A 24 -25.59 6.22 6.03
N ASP A 25 -25.06 5.05 5.68
CA ASP A 25 -23.70 4.96 5.14
C ASP A 25 -23.61 3.77 4.18
N LEU A 26 -22.36 3.32 3.94
CA LEU A 26 -22.09 2.16 3.07
C LEU A 26 -22.74 0.90 3.64
N GLY A 27 -22.53 0.67 4.93
CA GLY A 27 -23.02 -0.54 5.56
C GLY A 27 -24.51 -0.69 5.41
N ASN A 28 -25.24 0.41 5.49
CA ASN A 28 -26.66 0.37 5.19
C ASN A 28 -26.90 -0.22 3.79
N VAL A 29 -26.02 0.09 2.83
CA VAL A 29 -26.24 -0.35 1.46
C VAL A 29 -25.96 -1.84 1.30
N TRP A 30 -24.84 -2.34 1.84
CA TRP A 30 -24.48 -3.72 1.47
C TRP A 30 -24.38 -4.66 2.66
N ARG A 31 -24.10 -4.13 3.86
CA ARG A 31 -23.95 -4.95 5.05
C ARG A 31 -25.29 -5.57 5.42
N PHE A 32 -26.30 -4.73 5.59
CA PHE A 32 -27.62 -5.24 5.96
C PHE A 32 -28.19 -6.22 4.95
N PRO A 33 -28.10 -5.99 3.63
CA PRO A 33 -28.65 -7.02 2.72
C PRO A 33 -27.93 -8.35 2.82
N TYR A 34 -26.61 -8.32 3.07
CA TYR A 34 -25.86 -9.56 3.20
C TYR A 34 -26.25 -10.30 4.48
N ILE A 35 -26.18 -9.61 5.61
CA ILE A 35 -26.50 -10.24 6.89
C ILE A 35 -27.96 -10.65 6.93
N CYS A 36 -28.79 -10.00 6.14
CA CYS A 36 -30.22 -10.32 6.09
C CYS A 36 -30.43 -11.60 5.29
N ALA A 37 -29.95 -11.63 4.05
CA ALA A 37 -30.14 -12.80 3.20
C ALA A 37 -29.38 -14.03 3.72
N GLN A 38 -28.35 -13.84 4.55
CA GLN A 38 -27.63 -14.98 5.08
C GLN A 38 -28.30 -15.60 6.30
N ASN A 39 -28.81 -14.78 7.23
CA ASN A 39 -29.41 -15.28 8.47
C ASN A 39 -30.93 -15.37 8.34
N GLY A 40 -31.37 -16.46 7.70
CA GLY A 40 -32.79 -16.76 7.60
C GLY A 40 -33.58 -15.91 6.63
N GLY A 41 -32.92 -15.12 5.80
CA GLY A 41 -33.62 -14.30 4.83
C GLY A 41 -34.58 -13.29 5.44
N GLY A 42 -35.80 -13.24 4.87
CA GLY A 42 -36.79 -12.31 5.35
C GLY A 42 -37.15 -12.45 6.83
N ALA A 43 -37.03 -13.67 7.37
CA ALA A 43 -37.33 -13.90 8.78
C ALA A 43 -36.44 -13.06 9.68
N PHE A 44 -35.27 -12.64 9.17
CA PHE A 44 -34.36 -11.79 9.93
C PHE A 44 -35.01 -10.47 10.31
N LEU A 45 -36.09 -10.07 9.61
CA LEU A 45 -36.79 -8.84 9.98
C LEU A 45 -37.42 -8.96 11.37
N LEU A 46 -37.79 -10.17 11.78
CA LEU A 46 -38.48 -10.34 13.05
C LEU A 46 -37.59 -9.98 14.23
N PRO A 47 -36.35 -10.51 14.38
CA PRO A 47 -35.52 -10.09 15.50
C PRO A 47 -34.92 -8.71 15.31
N TYR A 48 -34.58 -8.38 14.05
CA TYR A 48 -33.97 -7.09 13.75
C TYR A 48 -34.79 -5.94 14.30
N THR A 49 -36.12 -6.00 14.11
CA THR A 49 -36.98 -4.97 14.66
C THR A 49 -36.98 -5.01 16.19
N ILE A 50 -37.05 -6.21 16.77
CA ILE A 50 -37.01 -6.32 18.23
C ILE A 50 -35.74 -5.69 18.77
N MET A 51 -34.58 -6.15 18.29
CA MET A 51 -33.31 -5.56 18.68
C MET A 51 -33.27 -4.06 18.41
N ALA A 52 -34.08 -3.60 17.45
CA ALA A 52 -34.24 -2.16 17.24
C ALA A 52 -35.03 -1.55 18.37
N ILE A 53 -36.26 -2.03 18.56
CA ILE A 53 -37.20 -1.43 19.52
C ILE A 53 -36.62 -1.47 20.93
N PHE A 54 -36.11 -2.63 21.34
CA PHE A 54 -35.61 -2.76 22.71
C PHE A 54 -34.19 -2.22 22.88
N GLY A 55 -33.40 -2.17 21.81
CA GLY A 55 -32.01 -1.79 21.96
C GLY A 55 -31.59 -0.48 21.30
N GLY A 56 -31.69 -0.43 19.97
CA GLY A 56 -31.21 0.75 19.25
C GLY A 56 -31.97 2.01 19.55
N ILE A 57 -33.30 1.95 19.43
CA ILE A 57 -34.14 3.15 19.63
C ILE A 57 -33.96 3.78 21.02
N PRO A 58 -33.96 3.01 22.12
CA PRO A 58 -33.81 3.68 23.42
C PRO A 58 -32.47 4.39 23.60
N LEU A 59 -31.38 3.77 23.17
CA LEU A 59 -30.08 4.43 23.26
C LEU A 59 -30.04 5.67 22.37
N PHE A 60 -30.58 5.54 21.16
CA PHE A 60 -30.63 6.66 20.22
C PHE A 60 -31.35 7.85 20.84
N TYR A 61 -32.59 7.63 21.29
CA TYR A 61 -33.40 8.71 21.86
C TYR A 61 -32.87 9.21 23.20
N MET A 62 -32.23 8.36 24.00
CA MET A 62 -31.66 8.82 25.26
C MET A 62 -30.48 9.74 24.98
N GLU A 63 -29.55 9.27 24.14
CA GLU A 63 -28.42 10.08 23.72
C GLU A 63 -28.88 11.42 23.15
N LEU A 64 -29.85 11.39 22.23
CA LEU A 64 -30.34 12.62 21.61
C LEU A 64 -30.95 13.56 22.65
N ALA A 65 -31.74 13.01 23.59
CA ALA A 65 -32.39 13.84 24.60
C ALA A 65 -31.36 14.51 25.49
N LEU A 66 -30.37 13.75 25.96
CA LEU A 66 -29.29 14.31 26.76
C LEU A 66 -28.55 15.40 26.00
N GLY A 67 -28.27 15.14 24.71
CA GLY A 67 -27.57 16.12 23.89
C GLY A 67 -28.30 17.45 23.82
N GLN A 68 -29.59 17.40 23.50
CA GLN A 68 -30.34 18.64 23.36
C GLN A 68 -30.62 19.29 24.71
N TYR A 69 -30.70 18.49 25.77
CA TYR A 69 -31.06 19.02 27.08
C TYR A 69 -29.87 19.72 27.76
N HIS A 70 -28.70 19.08 27.81
CA HIS A 70 -27.56 19.62 28.54
C HIS A 70 -26.68 20.57 27.72
N ARG A 71 -26.75 20.48 26.39
CA ARG A 71 -25.97 21.32 25.48
C ARG A 71 -24.47 21.29 25.77
N ASN A 72 -23.94 20.13 26.18
CA ASN A 72 -22.53 20.05 26.47
C ASN A 72 -21.85 19.04 25.54
N GLY A 73 -20.52 19.12 25.47
CA GLY A 73 -19.74 18.22 24.64
C GLY A 73 -19.68 16.82 25.20
N CYS A 74 -18.86 15.98 24.54
CA CYS A 74 -18.71 14.60 24.98
C CYS A 74 -17.85 14.48 26.22
N ILE A 75 -17.10 15.52 26.57
CA ILE A 75 -16.20 15.51 27.72
C ILE A 75 -16.75 16.40 28.83
N SER A 76 -17.35 17.52 28.46
CA SER A 76 -17.85 18.50 29.41
C SER A 76 -19.17 18.09 30.02
N ILE A 77 -19.90 17.19 29.36
CA ILE A 77 -21.21 16.74 29.88
C ILE A 77 -20.99 15.79 31.05
N TRP A 78 -19.86 15.11 31.09
CA TRP A 78 -19.58 14.20 32.18
C TRP A 78 -19.16 14.97 33.42
N ARG A 79 -18.65 16.19 33.23
CA ARG A 79 -18.32 17.05 34.37
C ARG A 79 -19.58 17.38 35.15
N LYS A 80 -20.72 17.49 34.45
CA LYS A 80 -21.99 17.87 35.07
C LYS A 80 -22.92 16.67 35.26
N ILE A 81 -22.43 15.44 35.05
CA ILE A 81 -23.23 14.25 35.31
C ILE A 81 -22.48 13.35 36.28
N CYS A 82 -21.40 12.73 35.80
CA CYS A 82 -20.56 11.86 36.63
C CYS A 82 -19.11 12.10 36.30
N PRO A 83 -18.46 13.03 37.00
CA PRO A 83 -17.07 13.41 36.66
C PRO A 83 -16.12 12.23 36.50
N ILE A 84 -16.25 11.18 37.33
CA ILE A 84 -15.34 10.04 37.23
C ILE A 84 -15.38 9.40 35.84
N PHE A 85 -16.52 9.48 35.15
CA PHE A 85 -16.68 8.89 33.83
C PHE A 85 -16.35 9.88 32.72
N LYS A 86 -15.70 10.98 33.07
CA LYS A 86 -15.27 11.96 32.08
C LYS A 86 -14.37 11.31 31.03
N GLY A 87 -13.56 10.33 31.45
CA GLY A 87 -12.72 9.61 30.50
C GLY A 87 -13.47 9.01 29.33
N ILE A 88 -14.77 8.73 29.50
CA ILE A 88 -15.59 8.27 28.37
C ILE A 88 -15.44 9.25 27.20
N GLY A 89 -15.64 10.55 27.48
CA GLY A 89 -15.48 11.56 26.44
C GLY A 89 -14.12 11.48 25.76
N TYR A 90 -13.08 11.11 26.52
CA TYR A 90 -11.76 10.95 25.92
C TYR A 90 -11.71 9.70 25.05
N ALA A 91 -12.27 8.59 25.55
CA ALA A 91 -12.21 7.32 24.84
C ALA A 91 -12.76 7.46 23.43
N ILE A 92 -13.95 8.04 23.29
CA ILE A 92 -14.53 8.27 21.97
C ILE A 92 -13.54 9.02 21.08
N CYS A 93 -12.89 10.06 21.63
CA CYS A 93 -11.94 10.82 20.83
C CYS A 93 -10.87 9.92 20.23
N ILE A 94 -10.44 8.90 20.96
CA ILE A 94 -9.47 7.97 20.39
C ILE A 94 -10.15 7.04 19.41
N ILE A 95 -11.29 6.48 19.80
CA ILE A 95 -12.03 5.54 18.94
C ILE A 95 -12.25 6.15 17.56
N ALA A 96 -12.84 7.35 17.52
CA ALA A 96 -13.09 8.06 16.27
C ALA A 96 -11.83 8.11 15.41
N PHE A 97 -10.69 8.40 16.03
CA PHE A 97 -9.44 8.43 15.27
C PHE A 97 -9.20 7.13 14.52
N TYR A 98 -9.25 6.01 15.24
CA TYR A 98 -9.07 4.70 14.60
C TYR A 98 -10.05 4.51 13.45
N ILE A 99 -11.28 5.02 13.60
CA ILE A 99 -12.25 4.86 12.54
C ILE A 99 -11.88 5.74 11.36
N ALA A 100 -11.39 6.93 11.64
CA ALA A 100 -11.14 7.85 10.55
C ALA A 100 -9.90 7.44 9.80
N SER A 101 -9.24 6.37 10.23
CA SER A 101 -8.05 5.95 9.52
C SER A 101 -8.44 5.08 8.33
N TYR A 102 -9.56 4.36 8.42
CA TYR A 102 -9.93 3.46 7.34
C TYR A 102 -11.24 3.82 6.63
N TYR A 103 -12.18 4.46 7.34
CA TYR A 103 -13.50 4.68 6.77
C TYR A 103 -13.44 5.54 5.51
N ASN A 104 -12.53 6.51 5.46
CA ASN A 104 -12.44 7.40 4.32
C ASN A 104 -11.55 6.85 3.21
N THR A 105 -10.73 5.83 3.51
CA THR A 105 -9.93 5.26 2.44
C THR A 105 -10.84 4.48 1.51
N ILE A 106 -11.92 3.95 2.06
CA ILE A 106 -12.92 3.28 1.24
C ILE A 106 -13.54 4.29 0.30
N MET A 107 -13.87 5.47 0.84
CA MET A 107 -14.39 6.54 0.00
C MET A 107 -13.33 6.97 -1.01
N ALA A 108 -12.05 6.78 -0.68
CA ALA A 108 -11.00 7.10 -1.63
C ALA A 108 -11.00 6.10 -2.78
N TRP A 109 -11.27 4.82 -2.46
CA TRP A 109 -11.41 3.83 -3.52
C TRP A 109 -12.57 4.20 -4.43
N ALA A 110 -13.72 4.49 -3.83
CA ALA A 110 -14.87 4.87 -4.63
C ALA A 110 -14.56 6.14 -5.41
N LEU A 111 -13.68 6.99 -4.88
CA LEU A 111 -13.34 8.20 -5.60
C LEU A 111 -12.39 7.89 -6.74
N TYR A 112 -11.46 6.96 -6.52
CA TYR A 112 -10.55 6.55 -7.57
C TYR A 112 -11.30 5.87 -8.70
N TYR A 113 -12.32 5.07 -8.35
CA TYR A 113 -13.18 4.51 -9.38
C TYR A 113 -13.95 5.60 -10.11
N LEU A 114 -14.46 6.60 -9.36
CA LEU A 114 -15.28 7.65 -9.97
C LEU A 114 -14.51 8.43 -11.01
N ILE A 115 -13.27 8.82 -10.72
CA ILE A 115 -12.51 9.58 -11.69
C ILE A 115 -11.99 8.67 -12.78
N SER A 116 -11.91 7.37 -12.49
CA SER A 116 -11.49 6.41 -13.50
C SER A 116 -12.68 5.91 -14.30
N SER A 117 -13.88 6.45 -14.04
CA SER A 117 -15.10 6.00 -14.72
C SER A 117 -15.55 6.97 -15.80
N PHE A 118 -14.78 8.02 -16.09
CA PHE A 118 -15.15 9.01 -17.09
C PHE A 118 -14.78 8.60 -18.51
N THR A 119 -14.00 7.55 -18.67
CA THR A 119 -13.63 7.06 -20.00
C THR A 119 -14.80 6.34 -20.67
N ASP A 120 -14.85 6.46 -22.00
CA ASP A 120 -15.91 5.81 -22.78
C ASP A 120 -15.89 4.30 -22.62
N GLN A 121 -14.70 3.70 -22.57
CA GLN A 121 -14.56 2.27 -22.32
C GLN A 121 -13.99 2.12 -20.91
N LEU A 122 -14.78 1.52 -20.03
CA LEU A 122 -14.42 1.40 -18.64
C LEU A 122 -13.23 0.47 -18.45
N PRO A 123 -12.28 0.84 -17.58
CA PRO A 123 -11.05 0.05 -17.45
C PRO A 123 -11.27 -1.41 -17.06
N TRP A 124 -12.25 -1.69 -16.19
CA TRP A 124 -12.42 -3.06 -15.71
C TRP A 124 -13.26 -3.92 -16.64
N THR A 125 -13.34 -3.56 -17.92
CA THR A 125 -14.04 -4.35 -18.93
C THR A 125 -13.08 -5.23 -19.72
N SER A 126 -11.98 -4.67 -20.19
CA SER A 126 -10.99 -5.40 -20.97
C SER A 126 -9.87 -5.94 -20.08
N CYS A 127 -9.08 -6.84 -20.65
CA CYS A 127 -7.94 -7.42 -19.96
C CYS A 127 -6.62 -6.91 -20.53
N LYS A 128 -6.68 -6.14 -21.62
CA LYS A 128 -5.50 -5.59 -22.29
C LYS A 128 -5.06 -4.29 -21.60
N ASN A 129 -4.67 -4.43 -20.34
CA ASN A 129 -4.22 -3.30 -19.55
C ASN A 129 -2.80 -3.56 -19.04
N SER A 130 -2.29 -2.63 -18.24
CA SER A 130 -0.91 -2.70 -17.75
C SER A 130 -0.81 -3.43 -16.42
N TRP A 131 -1.93 -3.83 -15.84
CA TRP A 131 -1.98 -4.48 -14.54
C TRP A 131 -2.52 -5.90 -14.57
N ASN A 132 -3.14 -6.33 -15.67
CA ASN A 132 -3.71 -7.67 -15.75
C ASN A 132 -2.63 -8.73 -15.92
N THR A 133 -2.89 -9.91 -15.36
CA THR A 133 -2.01 -11.07 -15.50
C THR A 133 -2.40 -11.89 -16.73
N GLY A 134 -1.81 -13.07 -16.85
CA GLY A 134 -2.20 -14.02 -17.87
C GLY A 134 -3.42 -14.83 -17.49
N ASN A 135 -3.84 -14.72 -16.24
CA ASN A 135 -5.05 -15.40 -15.78
C ASN A 135 -6.31 -14.63 -16.17
N CYS A 136 -6.19 -13.35 -16.49
CA CYS A 136 -7.33 -12.49 -16.78
C CYS A 136 -8.14 -13.01 -17.97
N THR A 137 -9.38 -13.42 -17.71
CA THR A 137 -10.30 -13.91 -18.73
C THR A 137 -11.59 -13.12 -18.59
N ASN A 138 -12.07 -12.56 -19.69
CA ASN A 138 -13.15 -11.58 -19.68
C ASN A 138 -14.19 -11.95 -20.72
N TYR A 139 -15.30 -11.23 -20.71
CA TYR A 139 -16.40 -11.51 -21.61
C TYR A 139 -16.30 -10.63 -22.86
N PHE A 140 -17.29 -10.78 -23.74
CA PHE A 140 -17.20 -10.35 -25.13
C PHE A 140 -16.08 -11.13 -25.80
N SER A 141 -15.83 -12.31 -25.23
CA SER A 141 -14.82 -13.27 -25.60
C SER A 141 -15.48 -14.64 -25.74
N GLU A 142 -14.84 -15.51 -26.30
CA GLU A 142 -15.36 -16.80 -26.72
C GLU A 142 -16.15 -17.43 -25.58
N ASP A 143 -17.30 -18.05 -25.92
CA ASP A 143 -18.27 -18.59 -24.97
C ASP A 143 -17.68 -19.98 -24.64
N ASN A 144 -18.43 -20.92 -24.03
CA ASN A 144 -17.87 -22.19 -23.54
C ASN A 144 -16.80 -22.13 -22.45
N ILE A 145 -16.30 -20.94 -22.07
CA ILE A 145 -15.18 -20.89 -21.13
C ILE A 145 -15.50 -21.66 -19.85
N THR A 146 -14.49 -22.31 -19.28
CA THR A 146 -14.69 -23.14 -18.10
C THR A 146 -13.68 -22.62 -17.07
N TRP A 147 -13.98 -21.77 -16.10
CA TRP A 147 -13.12 -21.07 -15.16
C TRP A 147 -12.22 -22.03 -14.39
N THR A 148 -11.00 -21.56 -14.12
CA THR A 148 -9.96 -22.33 -13.45
C THR A 148 -9.65 -21.74 -12.08
N LEU A 149 -9.20 -22.60 -11.15
CA LEU A 149 -8.78 -22.15 -9.83
C LEU A 149 -7.85 -20.94 -9.89
N HIS A 150 -6.99 -20.86 -10.90
CA HIS A 150 -6.04 -19.76 -10.95
C HIS A 150 -6.54 -18.59 -11.79
N SER A 151 -7.60 -18.79 -12.56
CA SER A 151 -8.12 -17.72 -13.41
C SER A 151 -8.71 -16.60 -12.56
N THR A 152 -8.72 -15.39 -13.14
CA THR A 152 -9.19 -14.20 -12.44
C THR A 152 -9.91 -13.27 -13.41
N SER A 153 -11.01 -12.67 -12.94
CA SER A 153 -11.85 -11.76 -13.72
C SER A 153 -11.24 -10.36 -13.80
N PRO A 154 -11.53 -9.62 -14.87
CA PRO A 154 -10.95 -8.27 -15.02
C PRO A 154 -11.33 -7.30 -13.91
N ALA A 155 -12.46 -7.50 -13.24
CA ALA A 155 -12.84 -6.64 -12.13
C ALA A 155 -12.02 -6.98 -10.89
N GLU A 156 -11.87 -8.28 -10.62
CA GLU A 156 -11.03 -8.71 -9.51
C GLU A 156 -9.58 -8.34 -9.78
N GLU A 157 -9.16 -8.44 -11.04
CA GLU A 157 -7.79 -8.04 -11.39
C GLU A 157 -7.61 -6.53 -11.19
N PHE A 158 -8.62 -5.74 -11.58
CA PHE A 158 -8.51 -4.29 -11.43
C PHE A 158 -8.48 -3.88 -9.97
N TYR A 159 -9.40 -4.43 -9.17
CA TYR A 159 -9.45 -4.06 -7.76
C TYR A 159 -8.23 -4.56 -7.01
N THR A 160 -7.69 -5.72 -7.41
CA THR A 160 -6.59 -6.33 -6.69
C THR A 160 -5.26 -5.68 -7.04
N ARG A 161 -4.97 -5.53 -8.33
CA ARG A 161 -3.63 -5.16 -8.78
C ARG A 161 -3.47 -3.68 -9.07
N HIS A 162 -4.53 -2.87 -8.97
CA HIS A 162 -4.45 -1.46 -9.35
C HIS A 162 -4.86 -0.52 -8.22
N VAL A 163 -6.17 -0.40 -7.92
CA VAL A 163 -6.61 0.54 -6.91
C VAL A 163 -6.09 0.16 -5.52
N LEU A 164 -5.89 -1.13 -5.29
CA LEU A 164 -5.32 -1.62 -4.04
C LEU A 164 -3.85 -1.95 -4.15
N GLN A 165 -3.46 -2.60 -5.25
CA GLN A 165 -2.10 -3.09 -5.47
C GLN A 165 -1.72 -4.00 -4.31
N ILE A 166 -2.70 -4.80 -3.89
CA ILE A 166 -2.55 -5.63 -2.71
C ILE A 166 -1.63 -6.82 -2.98
N HIS A 167 -1.38 -7.11 -4.26
CA HIS A 167 -0.47 -8.19 -4.60
C HIS A 167 0.98 -7.83 -4.28
N ARG A 168 1.25 -6.56 -4.02
CA ARG A 168 2.60 -6.07 -3.77
C ARG A 168 2.93 -6.10 -2.28
N SER A 169 2.01 -6.62 -1.46
CA SER A 169 2.20 -6.76 -0.02
C SER A 169 1.87 -8.20 0.38
N LYS A 170 2.59 -8.70 1.38
CA LYS A 170 2.39 -10.05 1.87
C LYS A 170 1.43 -10.16 3.04
N GLY A 171 0.90 -9.05 3.56
CA GLY A 171 0.00 -9.14 4.70
C GLY A 171 0.24 -8.03 5.71
N LEU A 172 -0.10 -8.28 6.98
CA LEU A 172 0.13 -7.24 7.99
C LEU A 172 1.62 -7.00 8.19
N GLN A 173 2.43 -8.05 8.08
CA GLN A 173 3.87 -7.92 8.24
C GLN A 173 4.47 -6.90 7.27
N ASP A 174 4.33 -7.15 5.98
CA ASP A 174 4.83 -6.24 4.95
C ASP A 174 3.68 -5.67 4.12
N LEU A 175 3.40 -4.38 4.31
CA LEU A 175 2.31 -3.69 3.64
C LEU A 175 2.76 -2.44 2.90
N GLY A 176 3.89 -1.83 3.28
CA GLY A 176 4.39 -0.66 2.58
C GLY A 176 4.80 -0.97 1.16
N GLY A 177 4.93 0.09 0.35
CA GLY A 177 4.77 1.47 0.77
C GLY A 177 3.40 2.03 0.54
N ILE A 178 3.31 3.29 0.11
CA ILE A 178 2.05 4.02 0.03
C ILE A 178 1.68 4.21 -1.43
N SER A 179 0.39 4.00 -1.74
CA SER A 179 -0.17 4.31 -3.04
C SER A 179 -0.58 5.77 -3.10
N TRP A 180 0.20 6.59 -3.82
CA TRP A 180 -0.07 8.03 -3.81
C TRP A 180 -1.42 8.38 -4.43
N GLN A 181 -1.97 7.53 -5.30
CA GLN A 181 -3.28 7.83 -5.87
C GLN A 181 -4.35 7.85 -4.79
N LEU A 182 -4.37 6.82 -3.94
CA LEU A 182 -5.35 6.79 -2.86
C LEU A 182 -5.05 7.88 -1.84
N ALA A 183 -3.79 8.31 -1.75
CA ALA A 183 -3.45 9.41 -0.85
C ALA A 183 -4.03 10.72 -1.36
N LEU A 184 -3.98 10.93 -2.68
CA LEU A 184 -4.58 12.12 -3.27
C LEU A 184 -6.10 12.04 -3.23
N CYS A 185 -6.66 10.85 -3.43
CA CYS A 185 -8.10 10.67 -3.33
C CYS A 185 -8.57 11.02 -1.92
N ILE A 186 -7.95 10.41 -0.90
CA ILE A 186 -8.37 10.65 0.47
C ILE A 186 -8.00 12.06 0.89
N MET A 187 -7.01 12.66 0.23
CA MET A 187 -6.68 14.06 0.49
C MET A 187 -7.81 14.95 -0.01
N LEU A 188 -8.31 14.66 -1.21
CA LEU A 188 -9.47 15.38 -1.75
C LEU A 188 -10.68 15.18 -0.85
N ILE A 189 -10.81 13.98 -0.26
CA ILE A 189 -11.91 13.71 0.66
C ILE A 189 -11.79 14.58 1.90
N PHE A 190 -10.58 14.62 2.48
CA PHE A 190 -10.36 15.45 3.66
C PHE A 190 -10.55 16.93 3.32
N THR A 191 -10.36 17.29 2.05
CA THR A 191 -10.64 18.65 1.61
C THR A 191 -12.14 18.91 1.55
N VAL A 192 -12.90 17.95 1.00
CA VAL A 192 -14.33 18.14 0.82
C VAL A 192 -15.05 18.04 2.15
N ILE A 193 -14.40 17.44 3.15
CA ILE A 193 -14.96 17.48 4.50
C ILE A 193 -14.43 18.72 5.19
N TYR A 194 -13.23 19.18 4.78
CA TYR A 194 -12.66 20.39 5.34
C TYR A 194 -13.54 21.60 5.03
N PHE A 195 -14.05 21.71 3.81
CA PHE A 195 -14.91 22.85 3.49
C PHE A 195 -16.35 22.61 3.90
N SER A 196 -16.63 21.48 4.55
CA SER A 196 -17.98 21.16 5.00
C SER A 196 -18.06 21.05 6.52
N ILE A 197 -16.95 21.17 7.23
CA ILE A 197 -16.93 21.02 8.68
C ILE A 197 -16.28 22.25 9.31
N TRP A 198 -15.30 22.84 8.61
CA TRP A 198 -14.46 23.89 9.18
C TRP A 198 -15.26 25.02 9.78
N LYS A 199 -16.41 25.33 9.18
CA LYS A 199 -17.24 26.43 9.65
C LYS A 199 -18.13 25.97 10.81
N GLY A 200 -18.50 24.70 10.84
CA GLY A 200 -19.24 24.17 11.97
C GLY A 200 -20.51 23.45 11.55
N VAL A 201 -21.60 23.70 12.27
CA VAL A 201 -22.82 22.96 11.98
C VAL A 201 -23.53 23.55 10.77
N LYS A 202 -23.29 24.81 10.44
CA LYS A 202 -23.97 25.44 9.31
C LYS A 202 -23.54 24.81 7.99
N THR A 203 -22.24 24.54 7.83
CA THR A 203 -21.80 23.95 6.58
C THR A 203 -22.11 22.46 6.54
N SER A 204 -21.83 21.73 7.62
CA SER A 204 -22.15 20.31 7.58
C SER A 204 -23.65 20.16 7.32
N GLY A 205 -24.46 20.93 8.03
CA GLY A 205 -25.90 20.96 7.87
C GLY A 205 -26.40 21.41 6.51
N LYS A 206 -25.52 22.01 5.70
CA LYS A 206 -25.92 22.47 4.37
C LYS A 206 -25.43 21.54 3.28
N VAL A 207 -24.27 20.92 3.50
CA VAL A 207 -23.73 19.90 2.61
C VAL A 207 -24.57 18.65 2.76
N VAL A 208 -25.09 18.40 3.96
CA VAL A 208 -25.95 17.25 4.22
C VAL A 208 -27.16 17.24 3.30
N TRP A 209 -27.69 18.41 2.94
CA TRP A 209 -28.78 18.44 1.97
C TRP A 209 -28.45 17.59 0.75
N VAL A 210 -27.21 17.61 0.31
CA VAL A 210 -26.79 16.81 -0.84
C VAL A 210 -26.30 15.43 -0.41
N THR A 211 -25.48 15.35 0.64
CA THR A 211 -24.84 14.07 0.99
C THR A 211 -25.82 13.05 1.57
N ALA A 212 -27.03 13.45 1.95
CA ALA A 212 -27.96 12.52 2.57
C ALA A 212 -29.15 12.19 1.69
N THR A 213 -29.41 12.98 0.66
CA THR A 213 -30.55 12.80 -0.23
C THR A 213 -30.14 12.10 -1.52
N PHE A 214 -28.95 12.41 -2.03
CA PHE A 214 -28.48 11.76 -3.27
C PHE A 214 -28.39 10.25 -3.16
N PRO A 215 -27.96 9.64 -2.06
CA PRO A 215 -27.92 8.18 -2.03
C PRO A 215 -29.27 7.56 -2.33
N TYR A 216 -30.37 8.19 -1.93
CA TYR A 216 -31.67 7.63 -2.27
C TYR A 216 -31.90 7.75 -3.78
N ILE A 217 -31.41 8.83 -4.40
CA ILE A 217 -31.55 8.98 -5.85
C ILE A 217 -30.76 7.92 -6.59
N ALA A 218 -29.47 7.76 -6.24
CA ALA A 218 -28.64 6.75 -6.91
C ALA A 218 -29.17 5.35 -6.65
N LEU A 219 -29.66 5.11 -5.44
CA LEU A 219 -30.26 3.81 -5.09
C LEU A 219 -31.56 3.63 -5.86
N SER A 220 -32.25 4.73 -6.16
CA SER A 220 -33.48 4.65 -6.95
C SER A 220 -33.19 4.35 -8.40
N VAL A 221 -32.13 4.95 -8.95
CA VAL A 221 -31.77 4.70 -10.34
C VAL A 221 -31.28 3.27 -10.48
N LEU A 222 -30.42 2.82 -9.57
CA LEU A 222 -29.97 1.43 -9.61
C LEU A 222 -31.07 0.48 -9.19
N LEU A 223 -32.11 0.98 -8.51
CA LEU A 223 -33.23 0.16 -8.10
C LEU A 223 -34.16 -0.11 -9.28
N VAL A 224 -34.59 0.94 -9.96
CA VAL A 224 -35.44 0.78 -11.12
C VAL A 224 -34.65 0.17 -12.26
N ARG A 225 -33.33 0.35 -12.24
CA ARG A 225 -32.48 -0.26 -13.25
C ARG A 225 -32.33 -1.76 -12.98
N GLY A 226 -32.01 -2.11 -11.74
CA GLY A 226 -31.85 -3.49 -11.35
C GLY A 226 -33.13 -4.29 -11.40
N ALA A 227 -34.28 -3.62 -11.27
CA ALA A 227 -35.57 -4.30 -11.31
C ALA A 227 -35.93 -4.73 -12.72
N THR A 228 -35.53 -3.95 -13.73
CA THR A 228 -35.85 -4.26 -15.12
C THR A 228 -34.91 -5.30 -15.72
N LEU A 229 -33.90 -5.73 -14.99
CA LEU A 229 -32.95 -6.72 -15.49
C LEU A 229 -33.58 -8.11 -15.50
N PRO A 230 -33.28 -8.91 -16.52
CA PRO A 230 -33.85 -10.26 -16.62
C PRO A 230 -33.28 -11.20 -15.57
N GLY A 231 -34.17 -11.99 -14.96
CA GLY A 231 -33.78 -12.94 -13.94
C GLY A 231 -33.31 -12.32 -12.64
N ALA A 232 -33.85 -11.16 -12.28
CA ALA A 232 -33.44 -10.46 -11.06
C ALA A 232 -34.21 -10.97 -9.85
N TRP A 233 -35.21 -11.83 -10.07
CA TRP A 233 -36.03 -12.35 -8.99
C TRP A 233 -35.26 -13.38 -8.18
N ARG A 234 -34.12 -13.86 -8.70
CA ARG A 234 -33.33 -14.85 -7.99
C ARG A 234 -32.67 -14.21 -6.78
N GLY A 235 -32.14 -13.00 -6.97
CA GLY A 235 -31.51 -12.29 -5.87
C GLY A 235 -32.54 -11.88 -4.83
N VAL A 236 -33.76 -11.55 -5.28
CA VAL A 236 -34.83 -11.22 -4.35
C VAL A 236 -35.29 -12.46 -3.59
N LEU A 237 -35.38 -13.59 -4.29
CA LEU A 237 -35.73 -14.84 -3.62
C LEU A 237 -34.70 -15.16 -2.53
N PHE A 238 -33.42 -15.15 -2.89
CA PHE A 238 -32.36 -15.41 -1.92
C PHE A 238 -32.31 -14.33 -0.86
N TYR A 239 -32.85 -13.15 -1.16
CA TYR A 239 -32.76 -12.01 -0.25
C TYR A 239 -33.88 -12.03 0.79
N LEU A 240 -35.08 -12.51 0.42
CA LEU A 240 -36.23 -12.48 1.32
C LEU A 240 -36.85 -13.85 1.57
N LYS A 241 -36.23 -14.94 1.13
CA LYS A 241 -36.82 -16.26 1.41
C LYS A 241 -36.73 -16.58 2.89
N PRO A 242 -37.86 -16.79 3.57
CA PRO A 242 -37.83 -17.03 5.02
C PRO A 242 -37.28 -18.43 5.32
N ASN A 243 -36.25 -18.47 6.16
CA ASN A 243 -35.67 -19.72 6.65
C ASN A 243 -35.73 -19.66 8.18
N TRP A 244 -36.92 -19.91 8.72
CA TRP A 244 -37.16 -19.72 10.15
C TRP A 244 -36.31 -20.62 11.04
N GLN A 245 -35.80 -21.74 10.52
CA GLN A 245 -34.93 -22.59 11.32
C GLN A 245 -33.66 -21.86 11.77
N LYS A 246 -33.12 -20.98 10.92
CA LYS A 246 -31.96 -20.21 11.32
C LYS A 246 -32.26 -19.29 12.49
N LEU A 247 -33.54 -19.02 12.75
CA LEU A 247 -33.92 -18.19 13.89
C LEU A 247 -33.75 -18.92 15.21
N LEU A 248 -33.62 -20.25 15.19
CA LEU A 248 -33.40 -21.02 16.42
C LEU A 248 -31.97 -20.89 16.93
N GLU A 249 -31.04 -20.52 16.04
CA GLU A 249 -29.66 -20.29 16.39
C GLU A 249 -29.50 -19.07 17.27
N THR A 250 -28.77 -19.21 18.37
CA THR A 250 -28.60 -18.10 19.29
C THR A 250 -27.67 -17.06 18.71
N GLY A 251 -26.96 -17.41 17.63
CA GLY A 251 -26.11 -16.44 16.95
C GLY A 251 -26.89 -15.37 16.22
N VAL A 252 -28.00 -15.73 15.56
CA VAL A 252 -28.63 -14.78 14.63
C VAL A 252 -29.07 -13.55 15.39
N TRP A 253 -29.64 -13.74 16.59
CA TRP A 253 -30.13 -12.60 17.35
C TRP A 253 -28.97 -11.67 17.64
N ILE A 254 -27.81 -12.26 17.96
CA ILE A 254 -26.62 -11.49 18.25
C ILE A 254 -26.25 -10.65 17.03
N ASP A 255 -26.33 -11.26 15.83
CA ASP A 255 -25.98 -10.53 14.61
C ASP A 255 -26.92 -9.36 14.42
N ALA A 256 -28.21 -9.57 14.69
CA ALA A 256 -29.21 -8.52 14.50
C ALA A 256 -28.98 -7.38 15.47
N ALA A 257 -28.72 -7.71 16.74
CA ALA A 257 -28.44 -6.71 17.76
C ALA A 257 -27.23 -5.88 17.38
N ALA A 258 -26.12 -6.54 17.04
CA ALA A 258 -24.92 -5.82 16.63
C ALA A 258 -25.20 -4.96 15.42
N GLN A 259 -25.97 -5.48 14.46
CA GLN A 259 -26.29 -4.72 13.26
C GLN A 259 -27.04 -3.43 13.59
N ILE A 260 -28.16 -3.54 14.31
CA ILE A 260 -28.97 -2.37 14.60
C ILE A 260 -28.19 -1.37 15.46
N PHE A 261 -27.38 -1.86 16.40
CA PHE A 261 -26.58 -0.96 17.21
C PHE A 261 -25.59 -0.19 16.33
N PHE A 262 -24.81 -0.91 15.55
CA PHE A 262 -23.74 -0.31 14.75
C PHE A 262 -24.30 0.36 13.49
N SER A 263 -25.61 0.34 13.29
CA SER A 263 -26.25 1.10 12.23
C SER A 263 -27.00 2.32 12.75
N LEU A 264 -27.31 2.36 14.04
CA LEU A 264 -27.86 3.55 14.69
C LEU A 264 -26.76 4.35 15.38
N GLY A 265 -25.71 3.67 15.81
CA GLY A 265 -24.55 4.21 16.48
C GLY A 265 -24.80 5.20 17.61
N PRO A 266 -25.51 4.76 18.65
CA PRO A 266 -25.73 5.61 19.80
C PRO A 266 -24.54 5.59 20.75
N GLY A 267 -24.50 6.59 21.62
CA GLY A 267 -23.47 6.70 22.63
C GLY A 267 -22.07 6.91 22.11
N PHE A 268 -21.94 7.42 20.89
CA PHE A 268 -20.66 7.72 20.27
C PHE A 268 -20.34 9.20 20.37
N GLY A 269 -21.27 10.01 20.88
CA GLY A 269 -21.06 11.42 21.05
C GLY A 269 -21.40 12.22 19.82
N VAL A 270 -21.65 11.56 18.69
CA VAL A 270 -22.04 12.29 17.49
C VAL A 270 -23.47 12.79 17.62
N LEU A 271 -24.38 11.92 18.07
CA LEU A 271 -25.75 12.35 18.34
C LEU A 271 -25.79 13.39 19.44
N LEU A 272 -24.91 13.28 20.44
CA LEU A 272 -24.83 14.30 21.48
C LEU A 272 -24.53 15.66 20.86
N ALA A 273 -23.54 15.73 19.97
CA ALA A 273 -23.19 17.00 19.37
C ALA A 273 -24.28 17.50 18.42
N PHE A 274 -24.83 16.60 17.59
CA PHE A 274 -25.90 16.99 16.69
C PHE A 274 -27.15 17.42 17.43
N ALA A 275 -27.37 16.89 18.63
CA ALA A 275 -28.55 17.26 19.42
C ALA A 275 -28.32 18.51 20.24
N SER A 276 -27.07 18.82 20.55
CA SER A 276 -26.72 19.96 21.39
C SER A 276 -27.15 21.30 20.77
N TYR A 277 -27.05 21.43 19.45
CA TYR A 277 -27.35 22.69 18.79
C TYR A 277 -28.81 22.76 18.33
N ASN A 278 -29.73 22.58 19.28
CA ASN A 278 -31.14 22.63 18.96
C ASN A 278 -31.91 23.36 20.07
N LYS A 279 -33.18 23.63 19.79
CA LYS A 279 -34.03 24.36 20.72
C LYS A 279 -34.46 23.51 21.91
N PHE A 280 -34.45 24.13 23.10
CA PHE A 280 -34.89 23.41 24.31
C PHE A 280 -36.37 23.09 24.24
N ASN A 281 -37.17 23.98 23.63
CA ASN A 281 -38.60 23.77 23.49
C ASN A 281 -38.90 22.75 22.40
N ASN A 282 -37.96 22.55 21.50
CA ASN A 282 -38.15 21.71 20.33
C ASN A 282 -38.30 20.25 20.73
N ASN A 283 -39.27 19.58 20.12
CA ASN A 283 -39.47 18.17 20.38
C ASN A 283 -38.35 17.35 19.76
N CYS A 284 -38.03 16.23 20.40
CA CYS A 284 -36.98 15.33 19.94
C CYS A 284 -37.42 13.88 19.92
N TYR A 285 -38.54 13.55 20.57
CA TYR A 285 -39.04 12.18 20.58
C TYR A 285 -39.36 11.77 19.15
N GLN A 286 -40.24 12.54 18.50
CA GLN A 286 -40.56 12.31 17.10
C GLN A 286 -39.30 12.30 16.24
N ASP A 287 -38.38 13.24 16.50
CA ASP A 287 -37.10 13.27 15.78
C ASP A 287 -36.40 11.91 15.81
N ALA A 288 -36.08 11.41 17.02
CA ALA A 288 -35.38 10.14 17.13
C ALA A 288 -36.16 9.01 16.48
N LEU A 289 -37.47 8.95 16.75
CA LEU A 289 -38.35 7.92 16.20
C LEU A 289 -38.26 7.87 14.68
N VAL A 290 -38.60 8.99 14.03
CA VAL A 290 -38.59 9.02 12.57
C VAL A 290 -37.18 8.73 12.06
N THR A 291 -36.15 9.31 12.69
CA THR A 291 -34.82 9.19 12.11
C THR A 291 -34.43 7.72 12.03
N SER A 292 -34.68 6.99 13.13
CA SER A 292 -34.32 5.58 13.11
C SER A 292 -35.14 4.87 12.03
N VAL A 293 -36.45 5.17 11.95
CA VAL A 293 -37.31 4.40 11.05
C VAL A 293 -36.88 4.64 9.60
N VAL A 294 -36.21 5.76 9.34
CA VAL A 294 -35.62 6.01 8.03
C VAL A 294 -34.39 5.14 7.84
N ASN A 295 -33.49 5.12 8.82
CA ASN A 295 -32.30 4.28 8.66
C ASN A 295 -32.64 2.81 8.42
N CYS A 296 -33.62 2.28 9.15
CA CYS A 296 -34.06 0.90 8.95
C CYS A 296 -34.74 0.68 7.60
N MET A 297 -35.72 1.52 7.23
CA MET A 297 -36.37 1.25 5.95
C MET A 297 -35.40 1.46 4.79
N THR A 298 -34.57 2.51 4.87
CA THR A 298 -33.57 2.75 3.85
C THR A 298 -32.70 1.51 3.64
N SER A 299 -32.30 0.86 4.74
CA SER A 299 -31.59 -0.41 4.61
C SER A 299 -32.44 -1.44 3.88
N PHE A 300 -33.74 -1.52 4.22
CA PHE A 300 -34.62 -2.51 3.63
C PHE A 300 -34.70 -2.38 2.11
N VAL A 301 -34.86 -1.16 1.60
CA VAL A 301 -34.92 -0.98 0.15
C VAL A 301 -33.54 -1.14 -0.48
N SER A 302 -32.48 -0.77 0.26
CA SER A 302 -31.14 -0.96 -0.24
C SER A 302 -30.87 -2.44 -0.51
N GLY A 303 -31.48 -3.32 0.30
CA GLY A 303 -31.39 -4.75 0.04
C GLY A 303 -31.82 -5.08 -1.36
N PHE A 304 -32.96 -4.55 -1.80
CA PHE A 304 -33.40 -4.75 -3.17
C PHE A 304 -32.41 -4.16 -4.15
N VAL A 305 -31.93 -2.93 -3.89
CA VAL A 305 -30.99 -2.31 -4.83
C VAL A 305 -29.79 -3.20 -5.08
N ILE A 306 -29.29 -3.90 -4.04
CA ILE A 306 -28.14 -4.77 -4.23
C ILE A 306 -28.55 -6.10 -4.87
N PHE A 307 -29.54 -6.77 -4.30
CA PHE A 307 -29.84 -8.14 -4.70
C PHE A 307 -30.59 -8.22 -6.02
N THR A 308 -31.09 -7.11 -6.56
CA THR A 308 -31.64 -7.13 -7.91
C THR A 308 -30.50 -7.25 -8.91
N VAL A 309 -29.47 -6.43 -8.76
CA VAL A 309 -28.31 -6.47 -9.64
C VAL A 309 -27.55 -7.78 -9.43
N LEU A 310 -27.49 -8.25 -8.18
CA LEU A 310 -26.89 -9.54 -7.90
C LEU A 310 -27.72 -10.69 -8.49
N GLY A 311 -29.03 -10.50 -8.57
CA GLY A 311 -29.88 -11.50 -9.19
C GLY A 311 -29.66 -11.57 -10.69
N TYR A 312 -29.56 -10.40 -11.33
CA TYR A 312 -29.24 -10.35 -12.75
C TYR A 312 -27.86 -10.93 -13.00
N MET A 313 -26.91 -10.65 -12.11
CA MET A 313 -25.57 -11.21 -12.24
C MET A 313 -25.59 -12.72 -12.06
N ALA A 314 -26.46 -13.23 -11.19
CA ALA A 314 -26.59 -14.66 -10.99
C ALA A 314 -27.37 -15.31 -12.12
N GLU A 315 -28.06 -14.51 -12.93
CA GLU A 315 -28.78 -15.06 -14.08
C GLU A 315 -27.83 -15.19 -15.25
N MET A 316 -27.01 -14.16 -15.48
CA MET A 316 -26.02 -14.26 -16.56
C MET A 316 -24.99 -15.33 -16.27
N ARG A 317 -24.65 -15.55 -14.99
CA ARG A 317 -23.80 -16.66 -14.59
C ARG A 317 -24.71 -17.87 -14.36
N ASN A 318 -24.57 -18.61 -13.25
CA ASN A 318 -25.48 -19.73 -13.04
C ASN A 318 -26.01 -19.85 -11.61
N GLU A 319 -26.83 -18.87 -11.20
CA GLU A 319 -27.74 -18.98 -10.06
C GLU A 319 -27.13 -19.35 -8.70
N ASP A 320 -28.03 -19.65 -7.76
CA ASP A 320 -27.72 -19.84 -6.35
C ASP A 320 -26.99 -18.63 -5.79
N VAL A 321 -27.68 -17.48 -5.79
CA VAL A 321 -27.04 -16.17 -5.78
C VAL A 321 -26.00 -16.15 -4.65
N SER A 322 -26.17 -17.04 -3.67
CA SER A 322 -25.25 -17.05 -2.54
C SER A 322 -23.81 -17.20 -3.03
N GLU A 323 -23.59 -18.07 -4.02
CA GLU A 323 -22.25 -18.26 -4.56
C GLU A 323 -21.69 -16.98 -5.16
N VAL A 324 -22.50 -16.25 -5.92
CA VAL A 324 -22.04 -14.97 -6.47
C VAL A 324 -22.03 -13.89 -5.39
N ALA A 325 -22.54 -14.21 -4.20
CA ALA A 325 -22.61 -13.29 -3.07
C ALA A 325 -21.93 -13.89 -1.85
N LYS A 326 -20.92 -14.74 -2.10
CA LYS A 326 -20.17 -15.34 -0.99
C LYS A 326 -19.44 -14.29 -0.16
N ASP A 327 -18.52 -13.58 -0.80
CA ASP A 327 -17.68 -12.61 -0.12
C ASP A 327 -18.45 -11.33 0.21
N ALA A 328 -18.47 -10.98 1.50
CA ALA A 328 -19.06 -9.75 1.98
C ALA A 328 -17.92 -8.82 2.35
N GLY A 329 -18.00 -7.57 1.94
CA GLY A 329 -16.96 -6.61 2.23
C GLY A 329 -16.81 -5.64 1.08
N PRO A 330 -15.57 -5.26 0.76
CA PRO A 330 -15.37 -4.33 -0.35
C PRO A 330 -15.55 -4.99 -1.71
N SER A 331 -15.44 -6.31 -1.77
CA SER A 331 -15.54 -7.03 -3.04
C SER A 331 -16.96 -7.16 -3.55
N LEU A 332 -17.96 -7.10 -2.65
CA LEU A 332 -19.34 -7.23 -3.11
C LEU A 332 -19.76 -6.01 -3.92
N LEU A 333 -19.26 -4.83 -3.57
CA LEU A 333 -19.61 -3.60 -4.27
C LEU A 333 -18.59 -3.22 -5.33
N PHE A 334 -17.30 -3.39 -5.04
CA PHE A 334 -16.25 -2.92 -5.95
C PHE A 334 -15.96 -3.90 -7.09
N ILE A 335 -16.26 -5.19 -6.92
CA ILE A 335 -15.99 -6.19 -7.95
C ILE A 335 -17.31 -6.71 -8.53
N THR A 336 -18.05 -7.47 -7.73
CA THR A 336 -19.26 -8.12 -8.22
C THR A 336 -20.27 -7.09 -8.74
N TYR A 337 -20.55 -6.05 -7.95
CA TYR A 337 -21.54 -5.07 -8.36
C TYR A 337 -21.05 -4.25 -9.55
N ALA A 338 -19.75 -3.94 -9.57
CA ALA A 338 -19.19 -3.16 -10.67
C ALA A 338 -19.18 -3.98 -11.96
N GLU A 339 -18.75 -5.24 -11.86
CA GLU A 339 -18.77 -6.15 -13.00
C GLU A 339 -20.20 -6.40 -13.45
N ALA A 340 -21.15 -6.30 -12.53
CA ALA A 340 -22.56 -6.49 -12.86
C ALA A 340 -23.07 -5.31 -13.67
N ILE A 341 -22.77 -4.09 -13.21
CA ILE A 341 -23.20 -2.86 -13.89
C ILE A 341 -22.40 -2.60 -15.15
N ALA A 342 -21.32 -3.34 -15.39
CA ALA A 342 -20.52 -3.17 -16.60
C ALA A 342 -21.27 -3.64 -17.84
N ASN A 343 -22.10 -4.68 -17.72
CA ASN A 343 -22.82 -5.25 -18.86
C ASN A 343 -24.16 -4.55 -19.09
N MET A 344 -24.30 -3.31 -18.65
CA MET A 344 -25.55 -2.59 -18.82
C MET A 344 -25.39 -1.37 -19.73
N PRO A 345 -26.45 -0.98 -20.44
CA PRO A 345 -26.39 0.19 -21.33
C PRO A 345 -26.07 1.48 -20.59
N ALA A 346 -25.26 2.33 -21.22
CA ALA A 346 -24.78 3.57 -20.62
C ALA A 346 -24.11 3.31 -19.27
N SER A 347 -23.15 2.39 -19.29
CA SER A 347 -22.50 1.95 -18.06
C SER A 347 -21.75 3.08 -17.37
N THR A 348 -21.29 4.09 -18.13
CA THR A 348 -20.60 5.22 -17.51
C THR A 348 -21.51 5.90 -16.50
N PHE A 349 -22.80 6.05 -16.85
CA PHE A 349 -23.78 6.67 -15.96
C PHE A 349 -23.91 5.92 -14.63
N PHE A 350 -24.30 4.66 -14.70
CA PHE A 350 -24.53 3.87 -13.49
C PHE A 350 -23.26 3.70 -12.67
N ALA A 351 -22.11 3.67 -13.33
CA ALA A 351 -20.83 3.60 -12.63
C ALA A 351 -20.57 4.88 -11.84
N ILE A 352 -20.70 6.03 -12.53
CA ILE A 352 -20.47 7.32 -11.90
C ILE A 352 -21.39 7.52 -10.70
N ILE A 353 -22.68 7.24 -10.88
CA ILE A 353 -23.59 7.45 -9.75
C ILE A 353 -23.41 6.37 -8.67
N PHE A 354 -22.83 5.22 -9.03
CA PHE A 354 -22.63 4.19 -8.02
C PHE A 354 -21.47 4.55 -7.09
N PHE A 355 -20.26 4.75 -7.65
CA PHE A 355 -19.14 5.10 -6.80
C PHE A 355 -19.30 6.50 -6.20
N LEU A 356 -19.90 7.42 -6.96
CA LEU A 356 -20.24 8.73 -6.41
C LEU A 356 -21.22 8.56 -5.25
N MET A 357 -22.11 7.57 -5.38
CA MET A 357 -23.04 7.27 -4.29
C MET A 357 -22.29 6.75 -3.07
N LEU A 358 -21.26 5.95 -3.29
CA LEU A 358 -20.45 5.47 -2.17
C LEU A 358 -19.82 6.63 -1.42
N ILE A 359 -19.14 7.53 -2.14
CA ILE A 359 -18.54 8.70 -1.50
C ILE A 359 -19.61 9.52 -0.80
N THR A 360 -20.77 9.65 -1.44
CA THR A 360 -21.88 10.44 -0.90
C THR A 360 -22.42 9.81 0.37
N LEU A 361 -22.30 8.50 0.50
CA LEU A 361 -22.73 7.79 1.68
C LEU A 361 -21.77 8.00 2.83
N GLY A 362 -20.46 7.93 2.54
CA GLY A 362 -19.49 8.11 3.60
C GLY A 362 -19.35 9.55 4.08
N LEU A 363 -19.56 10.52 3.17
CA LEU A 363 -19.33 11.93 3.47
C LEU A 363 -20.12 12.42 4.68
N ASP A 364 -21.45 12.27 4.65
CA ASP A 364 -22.28 12.78 5.72
C ASP A 364 -21.93 12.13 7.05
N SER A 365 -21.81 10.80 7.06
CA SER A 365 -21.44 10.07 8.27
C SER A 365 -20.12 10.59 8.84
N THR A 366 -19.10 10.80 8.00
CA THR A 366 -17.83 11.25 8.54
C THR A 366 -17.87 12.72 8.98
N PHE A 367 -18.70 13.55 8.32
CA PHE A 367 -19.03 14.87 8.85
C PHE A 367 -19.44 14.75 10.30
N ALA A 368 -20.47 13.94 10.58
CA ALA A 368 -20.98 13.82 11.94
C ALA A 368 -19.93 13.23 12.88
N GLY A 369 -19.21 12.22 12.41
CA GLY A 369 -18.15 11.60 13.19
C GLY A 369 -17.16 12.61 13.72
N LEU A 370 -16.67 13.48 12.84
CA LEU A 370 -15.76 14.52 13.29
C LEU A 370 -16.49 15.54 14.16
N GLU A 371 -17.73 15.86 13.81
CA GLU A 371 -18.51 16.88 14.50
C GLU A 371 -18.58 16.60 16.00
N GLY A 372 -18.79 15.34 16.38
CA GLY A 372 -18.86 15.00 17.80
C GLY A 372 -17.57 15.30 18.56
N VAL A 373 -16.44 14.88 18.02
CA VAL A 373 -15.15 15.10 18.67
C VAL A 373 -14.81 16.58 18.74
N ILE A 374 -15.03 17.31 17.63
CA ILE A 374 -14.74 18.74 17.61
C ILE A 374 -15.53 19.45 18.68
N THR A 375 -16.84 19.17 18.77
CA THR A 375 -17.66 19.76 19.82
C THR A 375 -17.13 19.40 21.20
N ALA A 376 -16.73 18.16 21.40
CA ALA A 376 -16.21 17.74 22.71
C ALA A 376 -14.99 18.54 23.14
N VAL A 377 -13.98 18.65 22.26
CA VAL A 377 -12.75 19.36 22.67
C VAL A 377 -13.00 20.85 22.81
N LEU A 378 -13.80 21.45 21.92
CA LEU A 378 -14.07 22.89 22.05
C LEU A 378 -14.80 23.21 23.35
N ASP A 379 -15.76 22.37 23.74
CA ASP A 379 -16.49 22.59 24.99
C ASP A 379 -15.68 22.24 26.24
N GLU A 380 -14.70 21.33 26.12
CA GLU A 380 -13.90 20.96 27.28
C GLU A 380 -12.77 21.94 27.57
N PHE A 381 -12.20 22.60 26.56
CA PHE A 381 -11.12 23.57 26.76
C PHE A 381 -11.52 24.93 26.18
N PRO A 382 -12.60 25.52 26.68
CA PRO A 382 -13.05 26.80 26.13
C PRO A 382 -12.07 27.92 26.45
N HIS A 383 -12.05 28.92 25.57
CA HIS A 383 -11.25 30.13 25.74
C HIS A 383 -9.80 29.72 25.52
N VAL A 384 -9.33 28.68 26.22
CA VAL A 384 -8.03 28.10 25.91
C VAL A 384 -8.08 27.60 24.48
N TRP A 385 -9.29 27.33 23.99
CA TRP A 385 -9.61 26.92 22.63
C TRP A 385 -10.84 27.71 22.23
N ALA A 386 -11.16 27.65 20.94
CA ALA A 386 -12.27 28.33 20.24
C ALA A 386 -11.69 29.63 19.70
N LYS A 387 -10.42 29.92 20.02
CA LYS A 387 -9.67 31.01 19.40
C LYS A 387 -9.89 31.07 17.89
N ARG A 388 -9.80 29.92 17.23
CA ARG A 388 -10.34 29.75 15.89
C ARG A 388 -10.81 28.30 15.77
N ARG A 389 -11.85 28.10 14.96
CA ARG A 389 -12.29 26.72 14.74
C ARG A 389 -11.50 26.06 13.62
N GLU A 390 -11.09 26.84 12.60
CA GLU A 390 -10.32 26.29 11.50
C GLU A 390 -8.99 25.72 11.95
N ARG A 391 -8.47 26.18 13.10
CA ARG A 391 -7.21 25.66 13.62
C ARG A 391 -7.39 24.23 14.11
N PHE A 392 -8.32 24.02 15.05
CA PHE A 392 -8.57 22.68 15.58
C PHE A 392 -9.12 21.73 14.52
N VAL A 393 -10.03 22.22 13.67
CA VAL A 393 -10.56 21.40 12.58
C VAL A 393 -9.46 20.98 11.62
N LEU A 394 -8.60 21.93 11.24
CA LEU A 394 -7.47 21.62 10.37
C LEU A 394 -6.58 20.56 11.02
N ALA A 395 -6.36 20.70 12.34
CA ALA A 395 -5.52 19.76 13.07
C ALA A 395 -6.10 18.34 12.99
N VAL A 396 -7.38 18.19 13.32
CA VAL A 396 -7.95 16.84 13.32
C VAL A 396 -8.00 16.26 11.90
N VAL A 397 -8.19 17.10 10.88
CA VAL A 397 -8.26 16.58 9.51
C VAL A 397 -6.90 16.08 9.04
N ILE A 398 -5.85 16.89 9.20
CA ILE A 398 -4.53 16.42 8.78
C ILE A 398 -4.09 15.24 9.65
N THR A 399 -4.54 15.20 10.90
CA THR A 399 -4.28 14.05 11.75
C THR A 399 -4.92 12.80 11.17
N CYS A 400 -6.13 12.92 10.61
CA CYS A 400 -6.77 11.77 9.99
C CYS A 400 -6.05 11.35 8.72
N PHE A 401 -5.38 12.28 8.03
CA PHE A 401 -4.60 11.88 6.86
C PHE A 401 -3.39 11.06 7.27
N PHE A 402 -2.63 11.56 8.25
CA PHE A 402 -1.49 10.81 8.77
C PHE A 402 -1.93 9.48 9.37
N GLY A 403 -3.16 9.43 9.90
CA GLY A 403 -3.69 8.17 10.41
C GLY A 403 -4.02 7.21 9.31
N SER A 404 -4.41 7.72 8.14
CA SER A 404 -4.75 6.87 7.01
C SER A 404 -3.52 6.49 6.19
N LEU A 405 -2.36 7.07 6.50
CA LEU A 405 -1.15 6.70 5.76
C LEU A 405 -0.82 5.21 5.93
N VAL A 406 -1.23 4.60 7.06
CA VAL A 406 -1.02 3.17 7.25
C VAL A 406 -2.01 2.41 6.37
N THR A 407 -3.10 3.05 5.99
CA THR A 407 -4.17 2.43 5.22
C THR A 407 -3.99 2.68 3.73
N LEU A 408 -3.17 3.68 3.39
CA LEU A 408 -2.93 3.99 2.00
C LEU A 408 -1.87 3.08 1.41
N THR A 409 -1.38 2.14 2.20
CA THR A 409 -0.35 1.21 1.75
C THR A 409 -0.95 0.14 0.85
N PHE A 410 -0.07 -0.71 0.31
CA PHE A 410 -0.52 -1.79 -0.56
C PHE A 410 -1.39 -2.76 0.22
N GLY A 411 -0.90 -3.22 1.37
CA GLY A 411 -1.67 -4.08 2.24
C GLY A 411 -2.59 -3.30 3.13
N GLY A 412 -2.82 -2.03 2.79
CA GLY A 412 -3.70 -1.22 3.59
C GLY A 412 -5.04 -1.88 3.82
N ALA A 413 -5.61 -2.49 2.78
CA ALA A 413 -6.86 -3.20 2.90
C ALA A 413 -6.83 -4.18 4.06
N TYR A 414 -5.72 -4.94 4.16
CA TYR A 414 -5.53 -5.84 5.29
C TYR A 414 -5.77 -5.11 6.61
N VAL A 415 -5.02 -4.01 6.81
CA VAL A 415 -5.18 -3.20 8.02
C VAL A 415 -6.61 -2.74 8.18
N VAL A 416 -7.27 -2.37 7.08
CA VAL A 416 -8.66 -1.89 7.17
C VAL A 416 -9.52 -2.91 7.90
N LYS A 417 -9.30 -4.20 7.61
CA LYS A 417 -10.11 -5.21 8.26
C LYS A 417 -9.70 -5.30 9.71
N LEU A 418 -8.40 -5.32 9.97
CA LEU A 418 -7.92 -5.45 11.33
C LEU A 418 -8.49 -4.33 12.19
N LEU A 419 -8.66 -3.13 11.58
CA LEU A 419 -9.19 -1.97 12.32
C LEU A 419 -10.71 -1.98 12.36
N GLU A 420 -11.34 -2.63 11.39
CA GLU A 420 -12.79 -2.61 11.27
C GLU A 420 -13.45 -3.61 12.22
N GLU A 421 -12.76 -4.71 12.51
CA GLU A 421 -13.27 -5.80 13.32
C GLU A 421 -12.80 -5.72 14.77
N TYR A 422 -11.50 -5.60 14.99
CA TYR A 422 -10.90 -5.68 16.31
C TYR A 422 -11.06 -4.39 17.12
N ALA A 423 -10.70 -3.24 16.55
CA ALA A 423 -10.63 -2.02 17.34
C ALA A 423 -12.01 -1.48 17.74
N THR A 424 -12.86 -1.12 16.76
CA THR A 424 -14.05 -0.36 17.09
C THR A 424 -15.06 -1.14 17.93
N GLY A 425 -15.40 -2.37 17.54
CA GLY A 425 -16.63 -2.95 18.01
C GLY A 425 -16.76 -3.20 19.52
N PRO A 426 -15.76 -3.87 20.13
CA PRO A 426 -15.90 -4.14 21.57
C PRO A 426 -15.88 -2.86 22.39
N ALA A 427 -14.98 -1.92 22.05
CA ALA A 427 -14.80 -0.73 22.86
C ALA A 427 -16.06 0.13 22.76
N VAL A 428 -16.57 0.32 21.54
CA VAL A 428 -17.77 1.14 21.37
C VAL A 428 -18.91 0.52 22.15
N LEU A 429 -19.06 -0.80 22.05
CA LEU A 429 -20.11 -1.46 22.83
C LEU A 429 -19.94 -1.19 24.32
N THR A 430 -18.69 -1.23 24.79
CA THR A 430 -18.39 -1.03 26.20
C THR A 430 -18.76 0.38 26.65
N VAL A 431 -18.34 1.39 25.89
CA VAL A 431 -18.59 2.78 26.27
C VAL A 431 -20.07 3.08 26.14
N ALA A 432 -20.77 2.42 25.23
CA ALA A 432 -22.21 2.59 25.16
C ALA A 432 -22.87 1.99 26.40
N LEU A 433 -22.35 0.84 26.86
CA LEU A 433 -22.90 0.23 28.07
C LEU A 433 -22.66 1.10 29.30
N ILE A 434 -21.41 1.53 29.50
CA ILE A 434 -21.07 2.37 30.65
C ILE A 434 -21.81 3.69 30.59
N GLU A 435 -21.93 4.27 29.41
CA GLU A 435 -22.68 5.52 29.25
C GLU A 435 -24.15 5.33 29.62
N ALA A 436 -24.77 4.29 29.05
CA ALA A 436 -26.19 4.03 29.33
C ALA A 436 -26.40 3.77 30.81
N VAL A 437 -25.53 2.97 31.43
CA VAL A 437 -25.63 2.67 32.85
C VAL A 437 -25.45 3.95 33.67
N ALA A 438 -24.57 4.84 33.22
CA ALA A 438 -24.30 6.06 33.99
C ALA A 438 -25.47 7.04 33.89
N VAL A 439 -26.17 7.07 32.76
CA VAL A 439 -27.30 7.99 32.65
C VAL A 439 -28.53 7.40 33.32
N SER A 440 -28.70 6.07 33.23
CA SER A 440 -29.90 5.42 33.74
C SER A 440 -29.80 5.08 35.22
N TRP A 441 -28.60 4.78 35.71
CA TRP A 441 -28.42 4.31 37.09
C TRP A 441 -27.78 5.35 38.00
N PHE A 442 -26.68 5.99 37.57
CA PHE A 442 -25.99 6.96 38.42
C PHE A 442 -26.76 8.27 38.53
N TYR A 443 -27.02 8.90 37.38
CA TYR A 443 -27.76 10.15 37.35
C TYR A 443 -29.21 9.93 37.75
N GLY A 444 -29.68 8.69 37.67
CA GLY A 444 -31.05 8.34 37.99
C GLY A 444 -31.97 8.55 36.82
N ILE A 445 -32.66 7.47 36.42
CA ILE A 445 -33.55 7.55 35.29
C ILE A 445 -34.76 8.39 35.66
N THR A 446 -35.02 8.52 36.96
CA THR A 446 -36.13 9.35 37.43
C THR A 446 -35.86 10.81 37.08
N GLN A 447 -34.66 11.30 37.44
CA GLN A 447 -34.32 12.67 37.13
C GLN A 447 -34.20 12.86 35.62
N PHE A 448 -33.87 11.79 34.87
CA PHE A 448 -33.85 11.89 33.42
C PHE A 448 -35.27 12.04 32.88
N CYS A 449 -36.22 11.32 33.46
CA CYS A 449 -37.61 11.48 33.05
C CYS A 449 -38.12 12.85 33.43
N ARG A 450 -37.52 13.45 34.47
CA ARG A 450 -37.86 14.82 34.84
C ARG A 450 -37.25 15.80 33.86
N ASP A 451 -36.06 15.46 33.34
CA ASP A 451 -35.41 16.31 32.34
C ASP A 451 -36.15 16.29 31.02
N VAL A 452 -36.60 15.10 30.58
CA VAL A 452 -37.40 15.01 29.38
C VAL A 452 -38.77 15.63 29.63
N LYS A 453 -39.27 15.49 30.87
CA LYS A 453 -40.56 16.06 31.25
C LYS A 453 -40.49 17.58 31.23
N GLU A 454 -39.30 18.12 31.43
CA GLU A 454 -39.06 19.56 31.34
C GLU A 454 -38.73 19.93 29.90
N MET A 455 -38.31 18.93 29.11
CA MET A 455 -37.88 19.13 27.74
C MET A 455 -39.06 19.19 26.77
N LEU A 456 -39.83 18.10 26.71
CA LEU A 456 -40.96 17.97 25.82
C LEU A 456 -42.28 18.35 26.45
N GLY A 457 -42.32 18.46 27.77
CA GLY A 457 -43.52 18.80 28.50
C GLY A 457 -44.18 17.61 29.16
N PHE A 458 -43.77 16.40 28.82
CA PHE A 458 -44.34 15.19 29.39
C PHE A 458 -43.25 14.19 29.70
N SER A 459 -43.47 13.42 30.77
CA SER A 459 -42.53 12.38 31.20
C SER A 459 -42.56 11.20 30.23
N PRO A 460 -41.39 10.64 29.89
CA PRO A 460 -41.38 9.49 28.97
C PRO A 460 -42.10 8.29 29.59
N GLY A 461 -42.69 7.50 28.70
CA GLY A 461 -43.49 6.35 29.10
C GLY A 461 -42.72 5.34 29.91
N TRP A 462 -43.48 4.43 30.55
CA TRP A 462 -42.86 3.39 31.37
C TRP A 462 -42.05 2.44 30.49
N PHE A 463 -42.35 2.41 29.20
CA PHE A 463 -41.58 1.61 28.25
C PHE A 463 -40.15 2.12 28.15
N TRP A 464 -40.00 3.42 27.91
CA TRP A 464 -38.66 4.01 27.84
C TRP A 464 -37.94 3.85 29.17
N ARG A 465 -38.68 3.95 30.28
CA ARG A 465 -38.07 3.79 31.59
C ARG A 465 -37.46 2.40 31.76
N ILE A 466 -38.27 1.35 31.52
CA ILE A 466 -37.77 -0.01 31.69
C ILE A 466 -36.71 -0.35 30.64
N CYS A 467 -36.79 0.28 29.47
CA CYS A 467 -35.75 0.04 28.46
C CYS A 467 -34.41 0.62 28.90
N TRP A 468 -34.42 1.82 29.48
CA TRP A 468 -33.19 2.45 29.92
C TRP A 468 -32.64 1.77 31.16
N VAL A 469 -33.53 1.37 32.08
CA VAL A 469 -33.09 0.77 33.33
C VAL A 469 -32.51 -0.61 33.10
N ALA A 470 -33.19 -1.44 32.32
CA ALA A 470 -32.78 -2.84 32.17
C ALA A 470 -32.51 -3.25 30.74
N ILE A 471 -33.50 -3.12 29.84
CA ILE A 471 -33.43 -3.76 28.53
C ILE A 471 -32.24 -3.28 27.70
N SER A 472 -31.92 -1.99 27.78
CA SER A 472 -30.83 -1.48 26.93
C SER A 472 -29.43 -1.86 27.42
N PRO A 473 -29.09 -1.71 28.71
CA PRO A 473 -27.77 -2.18 29.15
C PRO A 473 -27.60 -3.69 29.01
N LEU A 474 -28.70 -4.44 29.09
CA LEU A 474 -28.63 -5.87 28.80
C LEU A 474 -28.44 -6.09 27.31
N PHE A 475 -29.01 -5.21 26.49
CA PHE A 475 -28.87 -5.30 25.04
C PHE A 475 -27.41 -5.14 24.64
N LEU A 476 -26.72 -4.18 25.27
CA LEU A 476 -25.31 -3.97 24.96
C LEU A 476 -24.46 -5.06 25.60
N LEU A 477 -24.84 -5.49 26.81
CA LEU A 477 -24.12 -6.54 27.51
C LEU A 477 -24.13 -7.85 26.73
N PHE A 478 -25.25 -8.12 26.05
CA PHE A 478 -25.39 -9.31 25.22
C PHE A 478 -24.32 -9.35 24.14
N ILE A 479 -24.20 -8.27 23.38
CA ILE A 479 -23.25 -8.22 22.28
C ILE A 479 -21.83 -8.21 22.81
N ILE A 480 -21.61 -7.57 23.98
CA ILE A 480 -20.27 -7.58 24.58
C ILE A 480 -19.82 -9.00 24.91
N ALA A 481 -20.62 -9.73 25.70
CA ALA A 481 -20.27 -11.09 26.09
C ALA A 481 -20.12 -11.99 24.87
N SER A 482 -21.06 -11.92 23.94
CA SER A 482 -21.00 -12.79 22.77
C SER A 482 -19.79 -12.49 21.91
N PHE A 483 -19.35 -11.22 21.92
CA PHE A 483 -18.18 -10.84 21.15
C PHE A 483 -16.91 -11.35 21.81
N LEU A 484 -16.73 -11.02 23.09
CA LEU A 484 -15.51 -11.45 23.77
C LEU A 484 -15.38 -12.97 23.76
N MET A 485 -16.50 -13.69 23.92
CA MET A 485 -16.41 -15.15 23.99
C MET A 485 -15.90 -15.75 22.69
N SER A 486 -16.29 -15.21 21.53
CA SER A 486 -15.94 -15.81 20.25
C SER A 486 -15.37 -14.76 19.29
N PRO A 487 -14.17 -14.24 19.56
CA PRO A 487 -13.56 -13.31 18.62
C PRO A 487 -13.31 -14.02 17.31
N PRO A 488 -13.33 -13.29 16.20
CA PRO A 488 -13.40 -13.99 14.93
C PRO A 488 -12.04 -14.08 14.24
N GLN A 489 -11.71 -15.29 13.75
CA GLN A 489 -10.61 -15.42 12.80
C GLN A 489 -11.10 -14.85 11.48
N LEU A 490 -10.27 -14.03 10.84
CA LEU A 490 -10.66 -13.32 9.65
C LEU A 490 -9.65 -13.54 8.53
N ARG A 491 -10.17 -13.58 7.30
CA ARG A 491 -9.37 -13.81 6.13
C ARG A 491 -9.83 -12.82 5.07
N LEU A 492 -8.90 -12.42 4.21
CA LEU A 492 -9.19 -11.50 3.12
C LEU A 492 -8.32 -11.83 1.92
N PHE A 493 -8.95 -12.04 0.76
CA PHE A 493 -8.23 -12.22 -0.49
C PHE A 493 -7.22 -13.36 -0.40
N GLN A 494 -7.75 -14.56 -0.12
CA GLN A 494 -6.95 -15.79 -0.04
C GLN A 494 -5.78 -15.65 0.94
N TYR A 495 -5.97 -14.87 2.02
CA TYR A 495 -4.91 -14.66 3.00
C TYR A 495 -5.51 -14.65 4.40
N ASN A 496 -5.23 -15.69 5.17
CA ASN A 496 -5.68 -15.78 6.55
C ASN A 496 -4.78 -14.93 7.43
N TYR A 497 -5.39 -14.10 8.28
CA TYR A 497 -4.60 -13.25 9.15
C TYR A 497 -3.84 -14.10 10.17
N PRO A 498 -2.63 -13.67 10.53
CA PRO A 498 -1.84 -14.43 11.50
C PRO A 498 -2.55 -14.57 12.83
N TYR A 499 -2.18 -15.63 13.56
CA TYR A 499 -2.78 -15.93 14.86
C TYR A 499 -2.67 -14.74 15.80
N TRP A 500 -1.60 -13.95 15.66
CA TRP A 500 -1.31 -12.87 16.59
C TRP A 500 -2.11 -11.62 16.31
N SER A 501 -2.79 -11.55 15.16
CA SER A 501 -3.54 -10.36 14.79
C SER A 501 -4.46 -9.92 15.93
N ILE A 502 -5.18 -10.87 16.53
CA ILE A 502 -6.10 -10.51 17.61
C ILE A 502 -5.36 -9.77 18.72
N ILE A 503 -4.16 -10.26 19.08
CA ILE A 503 -3.33 -9.55 20.06
C ILE A 503 -3.18 -8.09 19.63
N LEU A 504 -2.64 -7.89 18.43
CA LEU A 504 -2.55 -6.55 17.86
C LEU A 504 -3.90 -5.88 17.93
N GLY A 505 -4.95 -6.56 17.45
CA GLY A 505 -6.28 -5.99 17.52
C GLY A 505 -6.65 -5.59 18.94
N TYR A 506 -6.41 -6.48 19.91
CA TYR A 506 -6.76 -6.14 21.28
C TYR A 506 -6.01 -4.91 21.75
N ALA A 507 -4.74 -4.77 21.34
CA ALA A 507 -4.03 -3.54 21.64
C ALA A 507 -4.81 -2.36 21.11
N ILE A 508 -5.13 -2.39 19.81
CA ILE A 508 -5.87 -1.30 19.21
C ILE A 508 -7.27 -1.22 19.81
N GLY A 509 -7.77 -2.31 20.40
CA GLY A 509 -9.08 -2.25 21.04
C GLY A 509 -9.03 -1.71 22.44
N THR A 510 -7.90 -1.86 23.14
CA THR A 510 -7.81 -1.44 24.53
C THR A 510 -6.97 -0.18 24.70
N SER A 511 -6.11 0.15 23.73
CA SER A 511 -5.27 1.35 23.81
C SER A 511 -6.13 2.60 23.85
N SER A 512 -7.42 2.46 23.49
CA SER A 512 -8.40 3.53 23.50
C SER A 512 -9.25 3.48 24.76
N PHE A 513 -9.30 2.32 25.42
CA PHE A 513 -10.11 2.07 26.59
C PHE A 513 -9.39 2.41 27.89
N ILE A 514 -8.05 2.47 27.86
CA ILE A 514 -7.26 2.65 29.08
C ILE A 514 -7.59 3.96 29.78
N CYS A 515 -8.25 4.89 29.10
CA CYS A 515 -8.44 6.22 29.65
C CYS A 515 -9.53 6.26 30.71
N ILE A 516 -10.54 5.38 30.64
CA ILE A 516 -11.62 5.52 31.62
C ILE A 516 -11.26 4.90 32.98
N PRO A 517 -10.55 3.74 33.11
CA PRO A 517 -10.23 3.31 34.46
C PRO A 517 -9.08 4.13 35.01
N THR A 518 -8.21 4.62 34.12
CA THR A 518 -7.13 5.49 34.55
C THR A 518 -7.62 6.89 34.87
N TYR A 519 -8.72 7.32 34.24
CA TYR A 519 -9.30 8.59 34.62
C TYR A 519 -10.10 8.45 35.92
N ILE A 520 -10.73 7.30 36.14
CA ILE A 520 -11.36 7.10 37.44
C ILE A 520 -10.28 7.09 38.49
N ALA A 521 -9.13 6.51 38.14
CA ALA A 521 -7.99 6.51 39.05
C ALA A 521 -7.43 7.93 39.18
N TYR A 522 -7.50 8.73 38.11
CA TYR A 522 -6.99 10.10 38.18
C TYR A 522 -7.89 10.97 39.06
N ARG A 523 -9.21 10.83 38.91
CA ARG A 523 -10.16 11.61 39.69
C ARG A 523 -10.12 11.18 41.16
N LEU A 524 -10.33 9.88 41.41
CA LEU A 524 -10.31 9.37 42.77
C LEU A 524 -8.94 9.45 43.40
N ILE A 525 -7.89 9.51 42.57
CA ILE A 525 -6.51 9.63 43.02
C ILE A 525 -6.13 11.09 43.27
N ILE A 526 -6.80 12.03 42.61
CA ILE A 526 -6.44 13.44 42.76
C ILE A 526 -7.20 14.11 43.89
N THR A 527 -8.46 13.84 44.14
CA THR A 527 -8.97 14.65 45.23
C THR A 527 -8.90 13.92 46.57
N PRO A 528 -8.12 14.41 47.55
CA PRO A 528 -8.05 13.75 48.87
C PRO A 528 -9.35 13.90 49.63
N GLY A 529 -9.68 12.85 50.39
CA GLY A 529 -10.82 12.74 51.26
C GLY A 529 -10.81 11.27 51.53
N THR A 530 -11.93 10.60 51.85
CA THR A 530 -11.77 9.18 52.03
C THR A 530 -12.24 8.56 50.71
N PHE A 531 -12.17 7.24 50.60
CA PHE A 531 -12.61 6.61 49.37
C PHE A 531 -14.12 6.76 49.24
N LYS A 532 -14.84 6.64 50.35
CA LYS A 532 -16.29 6.75 50.34
C LYS A 532 -16.72 8.20 50.19
N GLU A 533 -15.91 9.12 50.71
CA GLU A 533 -16.20 10.56 50.64
C GLU A 533 -15.90 11.10 49.23
N ARG A 534 -14.73 10.76 48.70
CA ARG A 534 -14.32 11.25 47.39
C ARG A 534 -15.14 10.63 46.27
N ILE A 535 -15.57 9.37 46.41
CA ILE A 535 -16.38 8.81 45.32
C ILE A 535 -17.81 9.29 45.43
N ILE A 536 -18.24 9.74 46.61
CA ILE A 536 -19.60 10.27 46.75
C ILE A 536 -19.64 11.70 46.23
N LYS A 537 -18.55 12.45 46.38
CA LYS A 537 -18.52 13.78 45.81
C LYS A 537 -18.17 13.72 44.32
N SER A 538 -17.59 12.60 43.87
CA SER A 538 -17.25 12.41 42.48
C SER A 538 -18.37 11.75 41.67
N ILE A 539 -19.33 11.10 42.30
CA ILE A 539 -20.47 10.57 41.56
C ILE A 539 -21.59 11.61 41.44
N THR A 540 -21.76 12.48 42.44
CA THR A 540 -22.78 13.51 42.35
C THR A 540 -22.28 14.68 41.50
N PRO A 541 -23.10 15.16 40.55
CA PRO A 541 -22.67 16.26 39.67
C PRO A 541 -22.57 17.58 40.43
N GLU A 542 -22.22 18.66 39.74
CA GLU A 542 -22.18 19.96 40.40
C GLU A 542 -23.57 20.28 40.92
N THR A 543 -23.67 20.75 42.18
CA THR A 543 -24.96 21.25 42.64
C THR A 543 -25.35 22.57 41.98
N PRO A 544 -24.46 23.59 41.91
CA PRO A 544 -24.87 24.82 41.20
C PRO A 544 -24.81 24.68 39.68
N GLU B 1 4.34 -15.72 -8.86
CA GLU B 1 3.85 -16.17 -10.16
C GLU B 1 4.90 -17.06 -10.84
N VAL B 2 5.21 -16.73 -12.09
CA VAL B 2 6.19 -17.48 -12.88
C VAL B 2 7.58 -17.12 -12.38
N GLN B 3 8.30 -18.10 -11.85
CA GLN B 3 9.65 -17.86 -11.36
C GLN B 3 10.64 -18.88 -11.91
N LEU B 4 11.80 -18.41 -12.34
CA LEU B 4 12.90 -19.24 -12.80
C LEU B 4 14.10 -19.00 -11.88
N GLN B 5 14.25 -19.81 -10.84
CA GLN B 5 15.32 -19.63 -9.87
C GLN B 5 16.55 -20.41 -10.34
N GLN B 6 17.60 -19.71 -10.75
CA GLN B 6 18.81 -20.37 -11.21
C GLN B 6 19.75 -20.67 -10.04
N SER B 7 20.93 -21.20 -10.35
CA SER B 7 21.92 -21.51 -9.32
C SER B 7 22.84 -20.32 -9.11
N GLY B 8 23.63 -20.40 -8.03
CA GLY B 8 24.53 -19.35 -7.68
C GLY B 8 25.74 -19.26 -8.60
N PRO B 9 26.59 -18.28 -8.34
CA PRO B 9 27.80 -18.11 -9.15
C PRO B 9 28.75 -19.28 -8.97
N GLU B 10 29.57 -19.51 -10.00
CA GLU B 10 30.50 -20.64 -10.00
C GLU B 10 31.87 -20.16 -10.44
N LEU B 11 32.88 -20.52 -9.66
CA LEU B 11 34.28 -20.27 -9.96
C LEU B 11 34.94 -21.60 -10.25
N VAL B 12 35.31 -21.82 -11.50
CA VAL B 12 35.83 -23.11 -11.92
C VAL B 12 37.14 -22.89 -12.66
N LYS B 13 38.07 -23.83 -12.50
CA LYS B 13 39.34 -23.72 -13.19
C LYS B 13 39.16 -24.05 -14.66
N PRO B 14 39.92 -23.39 -15.53
CA PRO B 14 39.82 -23.68 -16.97
C PRO B 14 40.10 -25.14 -17.27
N GLY B 15 39.37 -25.66 -18.25
CA GLY B 15 39.50 -27.03 -18.67
C GLY B 15 38.55 -28.01 -18.00
N ALA B 16 37.94 -27.61 -16.89
CA ALA B 16 37.01 -28.46 -16.16
C ALA B 16 35.59 -28.27 -16.72
N SER B 17 34.60 -28.79 -16.00
CA SER B 17 33.20 -28.69 -16.40
C SER B 17 32.42 -28.01 -15.29
N VAL B 18 31.23 -27.53 -15.64
CA VAL B 18 30.36 -26.87 -14.68
C VAL B 18 28.91 -27.06 -15.10
N LYS B 19 28.03 -27.31 -14.13
CA LYS B 19 26.61 -27.55 -14.38
C LYS B 19 25.80 -26.47 -13.68
N ILE B 20 24.81 -25.92 -14.39
CA ILE B 20 23.94 -24.86 -13.90
C ILE B 20 22.50 -25.34 -13.92
N SER B 21 21.80 -25.14 -12.81
CA SER B 21 20.40 -25.54 -12.67
C SER B 21 19.46 -24.38 -13.00
N CYS B 22 18.15 -24.67 -13.00
CA CYS B 22 17.10 -23.71 -13.34
C CYS B 22 15.75 -24.22 -12.85
N LYS B 23 15.42 -23.98 -11.58
CA LYS B 23 14.15 -24.38 -10.99
C LYS B 23 13.00 -23.54 -11.52
N ALA B 24 12.12 -24.15 -12.31
CA ALA B 24 10.96 -23.45 -12.88
C ALA B 24 9.73 -23.65 -12.01
N SER B 25 8.90 -22.62 -11.91
CA SER B 25 7.69 -22.69 -11.10
C SER B 25 6.68 -21.64 -11.56
N GLY B 26 5.41 -21.86 -11.19
CA GLY B 26 4.36 -20.91 -11.50
C GLY B 26 3.58 -21.14 -12.77
N TYR B 27 3.82 -22.24 -13.46
CA TYR B 27 3.13 -22.55 -14.71
C TYR B 27 3.26 -24.04 -14.98
N THR B 28 2.55 -24.50 -16.01
CA THR B 28 2.65 -25.89 -16.41
C THR B 28 3.99 -26.11 -17.12
N PHE B 29 4.91 -26.79 -16.42
CA PHE B 29 6.28 -26.92 -16.88
C PHE B 29 6.39 -27.62 -18.22
N THR B 30 5.47 -28.52 -18.52
CA THR B 30 5.57 -29.30 -19.76
C THR B 30 4.96 -28.56 -20.94
N ASP B 31 4.46 -27.36 -20.71
CA ASP B 31 3.78 -26.56 -21.71
C ASP B 31 4.71 -25.56 -22.41
N TYR B 32 6.00 -25.51 -22.09
CA TYR B 32 6.88 -24.51 -22.66
C TYR B 32 8.30 -25.03 -22.90
N TYR B 33 8.89 -24.56 -24.00
CA TYR B 33 10.31 -24.76 -24.29
C TYR B 33 11.19 -24.11 -23.25
N MET B 34 12.27 -24.79 -22.86
CA MET B 34 13.24 -24.20 -21.94
C MET B 34 14.51 -23.84 -22.70
N ASN B 35 14.84 -22.55 -22.73
CA ASN B 35 15.98 -22.02 -23.49
C ASN B 35 17.13 -21.60 -22.58
N TRP B 36 18.30 -21.45 -23.19
CA TRP B 36 19.49 -20.92 -22.51
C TRP B 36 20.16 -19.86 -23.37
N VAL B 37 20.33 -18.67 -22.80
CA VAL B 37 20.94 -17.52 -23.47
C VAL B 37 22.23 -17.17 -22.73
N LYS B 38 23.30 -16.97 -23.49
CA LYS B 38 24.60 -16.57 -22.97
C LYS B 38 24.76 -15.07 -23.15
N GLN B 39 25.36 -14.43 -22.15
CA GLN B 39 25.62 -13.00 -22.21
C GLN B 39 27.03 -12.76 -21.70
N SER B 40 27.92 -12.41 -22.61
CA SER B 40 29.29 -12.09 -22.25
C SER B 40 29.37 -10.67 -21.70
N HIS B 41 30.42 -10.40 -20.93
CA HIS B 41 30.57 -9.08 -20.33
C HIS B 41 30.72 -8.03 -21.43
N GLY B 42 29.75 -7.12 -21.50
CA GLY B 42 29.77 -6.09 -22.51
C GLY B 42 29.30 -6.51 -23.88
N LYS B 43 28.89 -7.77 -24.03
CA LYS B 43 28.42 -8.31 -25.30
C LYS B 43 26.89 -8.44 -25.31
N SER B 44 26.39 -8.87 -26.46
CA SER B 44 24.96 -9.04 -26.68
C SER B 44 24.50 -10.43 -26.21
N LEU B 45 23.20 -10.68 -26.32
CA LEU B 45 22.64 -11.95 -25.93
C LEU B 45 22.97 -12.99 -27.01
N GLU B 46 23.19 -14.22 -26.56
CA GLU B 46 23.61 -15.30 -27.45
C GLU B 46 22.80 -16.56 -27.14
N TRP B 47 21.99 -17.00 -28.11
CA TRP B 47 21.11 -18.15 -27.93
C TRP B 47 21.91 -19.45 -27.99
N ILE B 48 21.90 -20.20 -26.88
CA ILE B 48 22.64 -21.45 -26.81
C ILE B 48 21.84 -22.58 -27.41
N GLY B 49 20.60 -22.75 -26.98
CA GLY B 49 19.74 -23.80 -27.47
C GLY B 49 18.52 -23.92 -26.60
N ASN B 50 17.60 -24.75 -27.07
CA ASN B 50 16.37 -25.01 -26.33
C ASN B 50 16.28 -26.49 -26.02
N ILE B 51 15.24 -26.85 -25.26
CA ILE B 51 14.98 -28.23 -24.90
C ILE B 51 13.49 -28.39 -24.66
N ASN B 52 12.95 -29.51 -25.15
CA ASN B 52 11.55 -29.87 -24.91
C ASN B 52 11.51 -30.68 -23.63
N PRO B 53 10.89 -30.17 -22.57
CA PRO B 53 10.86 -30.88 -21.28
C PRO B 53 10.19 -32.24 -21.32
N ASN B 54 9.31 -32.49 -22.29
CA ASN B 54 8.57 -33.75 -22.35
C ASN B 54 9.50 -34.93 -22.61
N ASN B 55 10.34 -34.82 -23.63
CA ASN B 55 11.20 -35.92 -24.03
C ASN B 55 12.68 -35.52 -24.04
N GLY B 56 13.00 -34.32 -23.53
CA GLY B 56 14.36 -33.82 -23.59
C GLY B 56 14.78 -33.43 -24.99
N GLY B 57 13.88 -32.79 -25.73
CA GLY B 57 14.15 -32.41 -27.10
C GLY B 57 15.11 -31.25 -27.28
N THR B 58 16.42 -31.52 -27.24
CA THR B 58 17.40 -30.44 -27.33
C THR B 58 17.56 -30.02 -28.79
N SER B 59 17.40 -28.71 -29.04
CA SER B 59 17.67 -28.12 -30.34
C SER B 59 18.73 -27.06 -30.10
N TYR B 60 19.98 -27.39 -30.46
CA TYR B 60 21.12 -26.53 -30.19
C TYR B 60 21.40 -25.57 -31.34
N ASN B 61 22.40 -24.73 -31.11
CA ASN B 61 22.91 -23.80 -32.10
C ASN B 61 24.22 -24.39 -32.61
N GLN B 62 24.48 -24.21 -33.90
CA GLN B 62 25.71 -24.73 -34.50
C GLN B 62 26.94 -24.16 -33.79
N LYS B 63 26.82 -22.96 -33.22
CA LYS B 63 27.94 -22.34 -32.53
C LYS B 63 28.18 -22.95 -31.14
N PHE B 64 27.21 -23.66 -30.59
CA PHE B 64 27.33 -24.25 -29.26
C PHE B 64 27.23 -25.77 -29.29
N LYS B 65 27.14 -26.37 -30.47
CA LYS B 65 27.06 -27.83 -30.58
C LYS B 65 28.34 -28.44 -30.04
N GLY B 66 28.19 -29.27 -29.01
CA GLY B 66 29.32 -29.86 -28.34
C GLY B 66 29.95 -29.00 -27.28
N LYS B 67 29.48 -27.77 -27.11
CA LYS B 67 29.97 -26.84 -26.10
C LYS B 67 29.07 -26.82 -24.88
N ALA B 68 27.77 -26.99 -25.09
CA ALA B 68 26.77 -26.99 -24.04
C ALA B 68 25.90 -28.23 -24.20
N THR B 69 25.42 -28.75 -23.06
CA THR B 69 24.54 -29.91 -23.07
C THR B 69 23.35 -29.61 -22.16
N LEU B 70 22.16 -29.51 -22.77
CA LEU B 70 20.94 -29.21 -22.05
C LEU B 70 20.26 -30.49 -21.63
N THR B 71 19.81 -30.54 -20.38
CA THR B 71 19.04 -31.67 -19.85
C THR B 71 17.81 -31.11 -19.13
N VAL B 72 16.88 -32.01 -18.80
CA VAL B 72 15.64 -31.60 -18.16
C VAL B 72 15.14 -32.71 -17.25
N ASP B 73 14.47 -32.32 -16.16
CA ASP B 73 13.86 -33.26 -15.22
C ASP B 73 12.44 -32.82 -14.89
N LYS B 74 11.46 -33.69 -15.16
CA LYS B 74 10.07 -33.35 -14.90
C LYS B 74 9.68 -33.63 -13.45
N SER B 75 10.39 -34.55 -12.78
CA SER B 75 10.08 -34.92 -11.41
C SER B 75 10.25 -33.75 -10.45
N SER B 76 11.01 -32.73 -10.83
CA SER B 76 11.25 -31.55 -10.02
C SER B 76 11.09 -30.27 -10.81
N THR B 77 10.70 -30.37 -12.10
CA THR B 77 10.56 -29.23 -13.00
C THR B 77 11.83 -28.37 -12.99
N THR B 78 12.93 -28.98 -13.41
CA THR B 78 14.20 -28.26 -13.41
C THR B 78 15.02 -28.60 -14.63
N ALA B 79 15.49 -27.57 -15.34
CA ALA B 79 16.31 -27.73 -16.53
C ALA B 79 17.76 -27.40 -16.19
N TYR B 80 18.69 -28.18 -16.76
CA TYR B 80 20.09 -28.01 -16.48
C TYR B 80 20.87 -27.74 -17.77
N MET B 81 21.99 -27.02 -17.63
CA MET B 81 22.92 -26.79 -18.73
C MET B 81 24.33 -27.07 -18.24
N GLU B 82 25.02 -27.99 -18.89
CA GLU B 82 26.39 -28.36 -18.53
C GLU B 82 27.34 -27.85 -19.59
N LEU B 83 28.47 -27.31 -19.15
CA LEU B 83 29.50 -26.75 -20.02
C LEU B 83 30.83 -27.44 -19.75
N ARG B 84 31.50 -27.87 -20.82
CA ARG B 84 32.82 -28.48 -20.74
C ARG B 84 33.80 -27.65 -21.57
N SER B 85 35.09 -27.93 -21.37
CA SER B 85 36.18 -27.21 -22.01
C SER B 85 36.08 -25.71 -21.77
N LEU B 86 36.14 -25.35 -20.49
CA LEU B 86 35.93 -23.98 -20.05
C LEU B 86 37.16 -23.12 -20.35
N THR B 87 36.94 -21.96 -20.97
CA THR B 87 37.98 -21.00 -21.28
C THR B 87 37.61 -19.65 -20.67
N SER B 88 38.41 -18.62 -20.97
CA SER B 88 38.15 -17.30 -20.44
C SER B 88 36.94 -16.65 -21.10
N GLU B 89 36.55 -17.10 -22.30
CA GLU B 89 35.39 -16.55 -22.99
C GLU B 89 34.09 -17.00 -22.34
N ASP B 90 34.10 -18.17 -21.71
CA ASP B 90 32.90 -18.67 -21.06
C ASP B 90 32.60 -17.93 -19.76
N SER B 91 33.55 -17.14 -19.26
CA SER B 91 33.34 -16.33 -18.06
C SER B 91 32.31 -15.26 -18.41
N ALA B 92 31.04 -15.67 -18.38
CA ALA B 92 29.93 -14.80 -18.74
C ALA B 92 28.73 -15.16 -17.90
N VAL B 93 27.70 -14.32 -17.98
CA VAL B 93 26.45 -14.54 -17.26
C VAL B 93 25.52 -15.36 -18.15
N TYR B 94 24.92 -16.41 -17.58
CA TYR B 94 24.04 -17.31 -18.32
C TYR B 94 22.64 -17.22 -17.76
N TYR B 95 21.66 -17.17 -18.66
CA TYR B 95 20.26 -17.12 -18.30
C TYR B 95 19.53 -18.32 -18.88
N CYS B 96 18.55 -18.84 -18.14
CA CYS B 96 17.61 -19.82 -18.65
C CYS B 96 16.26 -19.14 -18.80
N THR B 97 15.71 -19.13 -20.01
CA THR B 97 14.50 -18.38 -20.26
C THR B 97 13.42 -19.26 -20.89
N ARG B 98 12.20 -19.11 -20.39
CA ARG B 98 11.05 -19.83 -20.91
C ARG B 98 10.63 -19.28 -22.27
N SER B 99 10.10 -20.16 -23.12
CA SER B 99 9.56 -19.69 -24.40
C SER B 99 8.49 -20.62 -24.94
N PRO B 100 7.42 -20.08 -25.52
CA PRO B 100 6.43 -20.93 -26.20
C PRO B 100 7.02 -21.46 -27.50
N VAL B 101 6.26 -22.25 -28.26
CA VAL B 101 6.80 -22.77 -29.51
C VAL B 101 6.60 -21.80 -30.68
N ARG B 102 5.55 -20.98 -30.65
CA ARG B 102 5.31 -20.00 -31.70
C ARG B 102 4.26 -18.98 -31.24
N PRO B 103 4.57 -17.68 -31.30
CA PRO B 103 5.87 -17.12 -31.72
C PRO B 103 6.94 -17.25 -30.65
N TYR B 104 8.19 -17.43 -31.10
CA TYR B 104 9.30 -17.81 -30.22
C TYR B 104 9.94 -16.61 -29.51
N TYR B 105 9.22 -16.07 -28.55
CA TYR B 105 9.75 -14.99 -27.71
C TYR B 105 10.18 -15.56 -26.36
N PHE B 106 11.02 -14.82 -25.64
CA PHE B 106 11.49 -15.22 -24.30
C PHE B 106 10.77 -14.40 -23.24
N ASP B 107 9.60 -14.89 -22.80
CA ASP B 107 8.76 -14.11 -21.89
C ASP B 107 9.37 -13.99 -20.49
N TYR B 108 9.79 -15.09 -19.87
CA TYR B 108 10.32 -15.05 -18.52
C TYR B 108 11.76 -15.54 -18.46
N TRP B 109 12.63 -14.77 -17.79
CA TRP B 109 14.04 -15.13 -17.65
C TRP B 109 14.40 -15.43 -16.21
N GLY B 110 15.57 -16.03 -16.03
CA GLY B 110 16.14 -16.25 -14.72
C GLY B 110 16.97 -15.05 -14.27
N GLN B 111 17.44 -15.10 -13.03
CA GLN B 111 18.21 -13.97 -12.51
C GLN B 111 19.64 -13.96 -13.05
N GLY B 112 20.10 -15.05 -13.64
CA GLY B 112 21.43 -15.11 -14.20
C GLY B 112 22.36 -15.92 -13.34
N THR B 113 23.44 -16.40 -13.97
CA THR B 113 24.45 -17.18 -13.25
C THR B 113 25.82 -16.68 -13.68
N THR B 114 26.53 -16.09 -12.72
CA THR B 114 27.86 -15.54 -12.98
C THR B 114 28.88 -16.67 -12.95
N LEU B 115 29.50 -16.94 -14.09
CA LEU B 115 30.51 -17.98 -14.20
C LEU B 115 31.86 -17.31 -14.39
N THR B 116 32.83 -17.68 -13.56
CA THR B 116 34.19 -17.17 -13.67
C THR B 116 35.10 -18.37 -13.89
N VAL B 117 35.76 -18.39 -15.05
CA VAL B 117 36.70 -19.44 -15.42
C VAL B 117 38.10 -18.88 -15.29
N SER B 118 38.76 -19.15 -14.17
CA SER B 118 40.12 -18.68 -13.93
C SER B 118 40.75 -19.60 -12.90
N SER B 119 42.07 -19.73 -12.97
CA SER B 119 42.78 -20.57 -12.03
C SER B 119 43.19 -19.79 -10.79
N ALA B 120 42.77 -18.53 -10.69
CA ALA B 120 43.11 -17.69 -9.56
C ALA B 120 42.40 -18.18 -8.30
N LYS B 121 43.13 -18.19 -7.19
CA LYS B 121 42.59 -18.65 -5.93
C LYS B 121 41.46 -17.73 -5.43
N THR B 122 40.43 -18.33 -4.85
CA THR B 122 39.33 -17.58 -4.25
C THR B 122 39.87 -16.76 -3.08
N THR B 123 39.93 -15.44 -3.25
CA THR B 123 40.52 -14.59 -2.21
C THR B 123 39.41 -13.88 -1.44
N PRO B 124 39.40 -14.02 -0.11
CA PRO B 124 38.40 -13.34 0.73
C PRO B 124 38.61 -11.83 0.79
N PRO B 125 37.52 -11.08 0.80
CA PRO B 125 37.60 -9.62 0.79
C PRO B 125 38.00 -9.01 2.13
N SER B 126 38.75 -7.92 2.06
CA SER B 126 39.16 -7.15 3.22
C SER B 126 38.19 -5.98 3.39
N VAL B 127 37.42 -6.00 4.47
CA VAL B 127 36.39 -5.01 4.74
C VAL B 127 36.96 -3.96 5.67
N TYR B 128 37.10 -2.73 5.18
CA TYR B 128 37.63 -1.64 5.99
C TYR B 128 36.61 -0.49 6.03
N PRO B 129 36.15 -0.08 7.21
CA PRO B 129 35.12 0.95 7.32
C PRO B 129 35.62 2.31 6.83
N LEU B 130 34.94 2.89 5.85
CA LEU B 130 35.32 4.21 5.35
C LEU B 130 34.39 5.18 6.08
N ALA B 131 34.87 5.71 7.20
CA ALA B 131 34.14 6.60 8.07
C ALA B 131 34.62 8.04 7.92
N PRO B 132 33.71 9.01 8.01
CA PRO B 132 34.14 10.41 8.01
C PRO B 132 34.99 10.72 9.22
N GLY B 133 35.83 11.74 9.08
CA GLY B 133 36.66 12.17 10.17
C GLY B 133 35.86 12.84 11.27
N CYS B 134 36.54 13.09 12.39
CA CYS B 134 35.94 13.75 13.54
C CYS B 134 36.05 15.27 13.49
N GLY B 135 36.69 15.84 12.47
CA GLY B 135 36.82 17.27 12.32
C GLY B 135 35.93 17.89 11.26
N ASP B 136 35.13 17.09 10.57
CA ASP B 136 34.23 17.57 9.53
C ASP B 136 33.05 18.33 10.11
N THR B 137 32.44 19.16 9.27
CA THR B 137 31.27 19.95 9.65
C THR B 137 30.02 19.15 9.33
N THR B 138 29.31 18.74 10.38
CA THR B 138 28.09 17.95 10.24
C THR B 138 26.95 18.84 9.75
N GLY B 139 26.52 18.61 8.51
CA GLY B 139 25.43 19.36 7.90
C GLY B 139 24.11 18.62 8.00
N SER B 140 23.27 18.80 6.98
CA SER B 140 21.98 18.11 6.98
C SER B 140 22.10 16.63 6.65
N SER B 141 23.19 16.22 6.01
CA SER B 141 23.39 14.82 5.66
C SER B 141 24.87 14.49 5.69
N VAL B 142 25.18 13.26 6.11
CA VAL B 142 26.55 12.76 6.18
C VAL B 142 26.68 11.58 5.23
N THR B 143 27.79 11.54 4.50
CA THR B 143 28.07 10.45 3.56
C THR B 143 29.08 9.51 4.18
N LEU B 144 28.75 8.23 4.17
CA LEU B 144 29.55 7.16 4.75
C LEU B 144 29.99 6.19 3.65
N GLY B 145 30.88 5.27 4.02
CA GLY B 145 31.31 4.28 3.06
C GLY B 145 31.92 3.06 3.73
N CYS B 146 32.13 2.03 2.93
CA CYS B 146 32.83 0.82 3.34
C CYS B 146 33.64 0.32 2.16
N LEU B 147 34.89 -0.03 2.41
CA LEU B 147 35.82 -0.41 1.36
C LEU B 147 35.99 -1.93 1.34
N VAL B 148 35.86 -2.51 0.15
CA VAL B 148 36.06 -3.94 -0.05
C VAL B 148 37.30 -4.05 -0.92
N LYS B 149 38.34 -4.65 -0.37
CA LYS B 149 39.65 -4.68 -1.00
C LYS B 149 40.22 -6.08 -1.13
N GLY B 150 40.65 -6.43 -2.36
CA GLY B 150 41.33 -7.68 -2.62
C GLY B 150 40.49 -8.94 -2.56
N TYR B 151 39.70 -9.21 -3.72
CA TYR B 151 38.97 -10.47 -3.68
C TYR B 151 38.79 -11.06 -5.07
N PHE B 152 38.41 -12.33 -5.13
CA PHE B 152 38.25 -13.02 -6.40
C PHE B 152 37.34 -14.24 -6.25
N PRO B 153 36.39 -14.43 -7.17
CA PRO B 153 36.11 -13.54 -8.31
C PRO B 153 35.18 -12.38 -7.94
N GLU B 154 34.38 -11.93 -8.91
CA GLU B 154 33.53 -10.76 -8.72
C GLU B 154 32.29 -11.07 -7.89
N SER B 155 32.05 -12.19 -7.38
CA SER B 155 30.89 -12.48 -6.53
C SER B 155 31.04 -11.78 -5.19
N VAL B 156 30.32 -10.68 -4.99
CA VAL B 156 30.38 -9.95 -3.71
C VAL B 156 29.09 -9.17 -3.53
N THR B 157 28.68 -8.99 -2.28
CA THR B 157 27.45 -8.26 -1.96
C THR B 157 27.68 -7.37 -0.74
N VAL B 158 27.50 -6.06 -0.91
CA VAL B 158 27.66 -5.08 0.16
C VAL B 158 26.28 -4.54 0.52
N THR B 159 25.81 -4.85 1.72
CA THR B 159 24.52 -4.40 2.22
C THR B 159 24.70 -3.37 3.32
N TRP B 160 23.62 -2.64 3.62
CA TRP B 160 23.65 -1.59 4.65
C TRP B 160 22.47 -1.74 5.60
N ASN B 161 22.76 -2.18 6.83
CA ASN B 161 21.78 -2.32 7.91
C ASN B 161 20.60 -3.18 7.49
N SER B 162 20.89 -4.38 6.98
CA SER B 162 19.83 -5.30 6.56
C SER B 162 18.92 -4.64 5.54
N GLY B 163 19.47 -3.75 4.71
CA GLY B 163 18.70 -3.08 3.68
C GLY B 163 17.71 -2.04 4.17
N SER B 164 18.02 -1.33 5.26
CA SER B 164 17.11 -0.31 5.78
C SER B 164 17.92 0.71 6.57
N LEU B 165 18.11 1.90 6.01
CA LEU B 165 17.60 2.24 4.68
C LEU B 165 18.70 2.28 3.64
N SER B 166 18.30 2.45 2.38
CA SER B 166 19.28 2.53 1.30
C SER B 166 18.72 3.36 0.15
N SER B 167 18.13 4.51 0.47
CA SER B 167 17.56 5.36 -0.56
C SER B 167 18.59 6.34 -1.10
N SER B 168 19.80 6.31 -0.55
CA SER B 168 20.88 7.19 -0.97
C SER B 168 22.22 6.44 -0.86
N VAL B 169 22.29 5.24 -1.44
CA VAL B 169 23.50 4.42 -1.39
C VAL B 169 24.09 4.39 -2.79
N HIS B 170 25.33 4.86 -2.91
CA HIS B 170 26.08 4.83 -4.16
C HIS B 170 27.13 3.72 -4.10
N THR B 171 26.90 2.64 -4.86
CA THR B 171 27.82 1.51 -4.91
C THR B 171 28.70 1.63 -6.15
N PHE B 172 30.04 1.65 -5.94
CA PHE B 172 30.98 1.84 -7.05
C PHE B 172 31.46 0.50 -7.61
N PRO B 173 31.46 0.33 -8.93
CA PRO B 173 31.87 -0.95 -9.52
C PRO B 173 33.26 -1.39 -9.11
N ALA B 174 33.46 -2.70 -9.15
CA ALA B 174 34.74 -3.33 -8.80
C ALA B 174 35.74 -3.19 -9.93
N LEU B 175 37.01 -3.00 -9.57
CA LEU B 175 38.08 -2.92 -10.57
C LEU B 175 39.05 -4.08 -10.38
N LEU B 176 39.46 -4.67 -11.50
CA LEU B 176 40.35 -5.83 -11.52
C LEU B 176 41.78 -5.39 -11.74
N GLN B 177 42.70 -5.92 -10.93
CA GLN B 177 44.12 -5.60 -11.07
C GLN B 177 44.97 -6.68 -10.40
N SER B 178 45.98 -7.16 -11.14
CA SER B 178 46.89 -8.21 -10.66
C SER B 178 46.13 -9.43 -10.15
N GLY B 179 45.00 -9.72 -10.78
CA GLY B 179 44.18 -10.88 -10.43
C GLY B 179 43.26 -10.70 -9.25
N LEU B 180 43.18 -9.50 -8.67
CA LEU B 180 42.32 -9.25 -7.51
C LEU B 180 41.45 -8.03 -7.76
N TYR B 181 40.20 -8.08 -7.29
CA TYR B 181 39.24 -7.00 -7.44
C TYR B 181 39.27 -6.04 -6.24
N THR B 182 38.71 -4.85 -6.44
CA THR B 182 38.62 -3.85 -5.38
C THR B 182 37.48 -2.89 -5.67
N MET B 183 36.53 -2.75 -4.72
CA MET B 183 35.39 -1.86 -4.88
C MET B 183 35.16 -1.07 -3.59
N SER B 184 34.23 -0.11 -3.66
CA SER B 184 33.87 0.73 -2.52
C SER B 184 32.38 1.08 -2.55
N SER B 185 31.82 1.34 -1.37
CA SER B 185 30.40 1.67 -1.19
C SER B 185 30.22 2.93 -0.35
N SER B 186 29.17 3.70 -0.65
CA SER B 186 28.84 4.92 0.08
C SER B 186 27.34 4.99 0.35
N VAL B 187 26.96 5.80 1.34
CA VAL B 187 25.56 5.99 1.72
C VAL B 187 25.38 7.40 2.32
N THR B 188 24.39 8.14 1.81
CA THR B 188 24.12 9.49 2.29
C THR B 188 22.93 9.46 3.25
N VAL B 189 23.19 9.57 4.55
CA VAL B 189 22.09 9.54 5.52
C VAL B 189 22.10 10.79 6.39
N PRO B 190 20.94 11.34 6.74
CA PRO B 190 20.91 12.58 7.54
C PRO B 190 21.62 12.44 8.88
N SER B 191 21.90 13.60 9.48
CA SER B 191 22.66 13.72 10.72
C SER B 191 21.81 13.59 11.97
N SER B 192 20.50 13.39 11.86
CA SER B 192 19.63 13.30 13.02
C SER B 192 19.45 11.87 13.53
N THR B 193 20.22 10.92 12.99
CA THR B 193 20.18 9.52 13.39
C THR B 193 21.59 8.97 13.50
N TRP B 194 22.58 9.86 13.64
CA TRP B 194 23.97 9.54 13.74
C TRP B 194 24.71 10.64 14.50
N PRO B 195 25.60 10.28 15.45
CA PRO B 195 25.87 8.87 15.77
C PRO B 195 24.98 8.33 16.89
N SER B 196 23.72 8.74 16.90
CA SER B 196 22.81 8.30 17.94
C SER B 196 22.51 6.81 17.80
N GLN B 197 21.98 6.41 16.65
CA GLN B 197 21.61 5.03 16.40
C GLN B 197 22.79 4.25 15.79
N THR B 198 22.53 3.00 15.43
CA THR B 198 23.54 2.07 14.91
C THR B 198 23.47 1.92 13.39
N VAL B 199 24.59 2.18 12.71
CA VAL B 199 24.71 2.01 11.27
C VAL B 199 25.89 1.06 11.01
N THR B 200 25.62 -0.04 10.29
CA THR B 200 26.63 -1.08 10.04
C THR B 200 26.55 -1.61 8.62
N CYS B 201 27.70 -1.68 7.93
CA CYS B 201 27.76 -2.25 6.59
C CYS B 201 28.15 -3.72 6.67
N SER B 202 27.53 -4.55 5.84
CA SER B 202 27.79 -6.00 5.81
C SER B 202 28.34 -6.41 4.45
N VAL B 203 29.55 -6.97 4.43
CA VAL B 203 30.18 -7.45 3.20
C VAL B 203 30.17 -8.97 3.17
N ALA B 204 29.55 -9.54 2.14
CA ALA B 204 29.39 -10.98 1.96
C ALA B 204 30.07 -11.42 0.66
N HIS B 205 30.93 -12.43 0.76
CA HIS B 205 31.60 -13.01 -0.41
C HIS B 205 31.17 -14.46 -0.60
N PRO B 206 30.22 -14.71 -1.52
CA PRO B 206 29.67 -16.06 -1.69
C PRO B 206 30.66 -17.09 -2.22
N ALA B 207 31.61 -16.69 -3.07
CA ALA B 207 32.56 -17.66 -3.64
C ALA B 207 33.46 -18.23 -2.56
N SER B 208 33.84 -17.41 -1.57
CA SER B 208 34.65 -17.87 -0.45
C SER B 208 33.79 -18.20 0.76
N SER B 209 32.47 -17.99 0.64
CA SER B 209 31.49 -18.25 1.69
C SER B 209 31.85 -17.54 2.99
N THR B 210 32.28 -16.29 2.88
CA THR B 210 32.62 -15.51 4.05
C THR B 210 31.66 -14.34 4.16
N THR B 211 31.55 -13.79 5.36
CA THR B 211 30.69 -12.63 5.59
C THR B 211 31.25 -11.85 6.76
N VAL B 212 31.89 -10.72 6.47
CA VAL B 212 32.49 -9.85 7.47
C VAL B 212 31.62 -8.61 7.56
N ASP B 213 31.16 -8.29 8.77
CA ASP B 213 30.33 -7.13 9.01
C ASP B 213 31.13 -6.09 9.79
N LYS B 214 31.17 -4.86 9.29
CA LYS B 214 31.91 -3.79 9.93
C LYS B 214 30.99 -2.60 10.17
N LYS B 215 30.96 -2.12 11.42
CA LYS B 215 30.16 -0.95 11.78
C LYS B 215 30.99 0.33 11.67
N LEU B 216 30.38 1.37 11.12
CA LEU B 216 31.05 2.65 10.95
C LEU B 216 31.17 3.40 12.27
N GLU B 217 32.38 3.90 12.56
CA GLU B 217 32.64 4.67 13.78
C GLU B 217 33.42 5.93 13.46
N PRO B 218 32.93 7.12 13.88
CA PRO B 218 33.62 8.39 13.63
C PRO B 218 34.89 8.52 14.46
N ASP C 1 22.45 -18.02 -41.20
CA ASP C 1 21.94 -17.37 -40.00
C ASP C 1 21.50 -15.93 -40.28
N ILE C 2 21.08 -15.25 -39.21
CA ILE C 2 20.52 -13.90 -39.31
C ILE C 2 21.41 -12.97 -38.48
N VAL C 3 21.70 -11.79 -39.02
CA VAL C 3 22.53 -10.82 -38.32
C VAL C 3 21.67 -9.60 -38.01
N MET C 4 21.36 -9.41 -36.72
CA MET C 4 20.61 -8.26 -36.24
C MET C 4 21.57 -7.12 -35.90
N THR C 5 21.51 -6.03 -36.66
CA THR C 5 22.47 -4.93 -36.51
C THR C 5 21.78 -3.70 -35.92
N GLN C 6 22.24 -3.27 -34.74
CA GLN C 6 21.82 -2.00 -34.14
C GLN C 6 22.95 -1.01 -34.33
N SER C 7 22.88 -0.22 -35.41
CA SER C 7 23.97 0.67 -35.79
C SER C 7 24.35 1.68 -34.70
N HIS C 8 23.38 2.13 -33.91
CA HIS C 8 23.62 3.11 -32.84
C HIS C 8 23.74 2.39 -31.49
N LYS C 9 24.97 2.30 -30.99
CA LYS C 9 25.22 1.64 -29.72
C LYS C 9 24.69 2.44 -28.54
N PHE C 10 24.68 3.78 -28.64
CA PHE C 10 24.17 4.64 -27.59
C PHE C 10 23.19 5.66 -28.13
N MET C 11 22.15 5.96 -27.37
CA MET C 11 21.19 7.01 -27.72
C MET C 11 20.84 7.84 -26.51
N SER C 12 20.95 9.17 -26.64
CA SER C 12 20.70 10.12 -25.58
C SER C 12 19.27 10.65 -25.69
N THR C 13 18.55 10.68 -24.56
CA THR C 13 17.20 11.21 -24.54
C THR C 13 16.97 11.87 -23.19
N SER C 14 15.83 12.54 -23.06
CA SER C 14 15.43 13.20 -21.84
C SER C 14 14.11 12.63 -21.31
N VAL C 15 13.83 12.93 -20.04
CA VAL C 15 12.61 12.47 -19.40
C VAL C 15 11.40 13.15 -20.03
N GLY C 16 10.52 12.35 -20.65
CA GLY C 16 9.34 12.88 -21.28
C GLY C 16 9.44 13.00 -22.80
N ASP C 17 10.63 12.87 -23.36
CA ASP C 17 10.86 12.97 -24.79
C ASP C 17 10.42 11.69 -25.51
N ARG C 18 10.24 11.83 -26.83
CA ARG C 18 9.84 10.73 -27.69
C ARG C 18 11.11 10.06 -28.18
N VAL C 19 11.37 8.83 -27.74
CA VAL C 19 12.58 8.13 -28.14
C VAL C 19 12.20 6.92 -29.00
N SER C 20 13.06 6.62 -29.99
CA SER C 20 12.81 5.47 -30.87
C SER C 20 14.11 4.79 -31.26
N ILE C 21 14.23 3.50 -30.94
CA ILE C 21 15.41 2.70 -31.26
C ILE C 21 15.12 1.89 -32.53
N THR C 22 16.08 1.86 -33.44
CA THR C 22 15.98 1.13 -34.71
C THR C 22 16.56 -0.28 -34.59
N CYS C 23 16.25 -1.12 -35.58
CA CYS C 23 16.74 -2.50 -35.61
C CYS C 23 16.74 -3.02 -37.04
N LYS C 24 17.92 -3.41 -37.53
CA LYS C 24 18.12 -3.89 -38.89
C LYS C 24 18.41 -5.39 -38.88
N ALA C 25 17.64 -6.14 -39.67
CA ALA C 25 17.79 -7.58 -39.79
C ALA C 25 18.55 -7.95 -41.07
N SER C 26 18.98 -9.22 -41.14
CA SER C 26 19.71 -9.70 -42.31
C SER C 26 18.79 -9.83 -43.53
N GLN C 27 17.66 -10.51 -43.38
CA GLN C 27 16.72 -10.69 -44.48
C GLN C 27 15.31 -10.24 -44.09
N ASP C 28 14.34 -10.50 -44.96
CA ASP C 28 12.96 -10.15 -44.69
C ASP C 28 12.41 -11.01 -43.56
N VAL C 29 11.71 -10.38 -42.61
CA VAL C 29 11.26 -11.03 -41.39
C VAL C 29 9.74 -11.00 -41.25
N SER C 30 9.03 -10.33 -42.17
CA SER C 30 7.59 -10.12 -42.06
C SER C 30 7.30 -9.32 -40.80
N THR C 31 6.67 -9.94 -39.81
CA THR C 31 6.39 -9.28 -38.53
C THR C 31 6.86 -10.18 -37.39
N ALA C 32 8.13 -10.57 -37.41
CA ALA C 32 8.64 -11.48 -36.40
C ALA C 32 9.83 -10.91 -35.61
N VAL C 33 9.63 -9.79 -34.93
CA VAL C 33 10.69 -9.18 -34.13
C VAL C 33 10.17 -8.91 -32.72
N ALA C 34 10.95 -9.29 -31.73
CA ALA C 34 10.64 -9.09 -30.32
C ALA C 34 11.67 -8.15 -29.69
N TRP C 35 11.18 -7.20 -28.89
CA TRP C 35 12.00 -6.23 -28.19
C TRP C 35 12.09 -6.55 -26.71
N TYR C 36 13.31 -6.56 -26.18
CA TYR C 36 13.59 -6.87 -24.79
C TYR C 36 14.22 -5.66 -24.10
N GLN C 37 13.90 -5.51 -22.81
CA GLN C 37 14.42 -4.44 -21.96
C GLN C 37 15.24 -5.03 -20.82
N GLN C 38 16.54 -4.84 -20.85
CA GLN C 38 17.41 -5.35 -19.79
C GLN C 38 17.85 -4.16 -18.96
N LYS C 39 17.29 -4.03 -17.76
CA LYS C 39 17.71 -2.99 -16.85
C LYS C 39 19.06 -3.37 -16.25
N PRO C 40 19.93 -2.39 -15.99
CA PRO C 40 21.26 -2.69 -15.42
C PRO C 40 21.18 -3.51 -14.13
N GLY C 41 21.62 -4.77 -14.18
CA GLY C 41 21.60 -5.62 -13.02
C GLY C 41 20.41 -6.55 -12.93
N GLN C 42 19.58 -6.59 -13.95
CA GLN C 42 18.39 -7.43 -14.01
C GLN C 42 18.43 -8.32 -15.24
N SER C 43 17.55 -9.29 -15.24
CA SER C 43 17.43 -10.14 -16.41
C SER C 43 16.68 -9.40 -17.51
N PRO C 44 16.97 -9.72 -18.77
CA PRO C 44 16.24 -9.09 -19.88
C PRO C 44 14.74 -9.31 -19.70
N LYS C 45 13.97 -8.24 -19.84
CA LYS C 45 12.53 -8.30 -19.68
C LYS C 45 11.87 -8.11 -21.04
N LEU C 46 10.98 -9.03 -21.39
CA LEU C 46 10.28 -8.98 -22.66
C LEU C 46 9.27 -7.84 -22.70
N LEU C 47 9.37 -6.98 -23.70
CA LEU C 47 8.41 -5.90 -23.88
C LEU C 47 7.51 -6.10 -25.10
N ILE C 48 8.10 -6.26 -26.29
CA ILE C 48 7.34 -6.36 -27.53
C ILE C 48 7.56 -7.73 -28.18
N TYR C 49 6.51 -8.27 -28.80
CA TYR C 49 6.66 -9.47 -29.61
C TYR C 49 5.86 -9.29 -30.89
N SER C 50 6.37 -9.88 -31.97
CA SER C 50 5.76 -9.79 -33.31
C SER C 50 5.58 -8.33 -33.73
N ALA C 51 6.70 -7.60 -33.74
CA ALA C 51 6.80 -6.23 -34.24
C ALA C 51 5.98 -5.20 -33.46
N SER C 52 4.65 -5.35 -33.39
CA SER C 52 3.81 -4.30 -32.83
C SER C 52 3.06 -4.67 -31.56
N TYR C 53 2.79 -5.94 -31.32
CA TYR C 53 2.00 -6.32 -30.17
C TYR C 53 2.80 -6.12 -28.89
N ARG C 54 2.14 -5.63 -27.84
CA ARG C 54 2.81 -5.45 -26.56
C ARG C 54 2.55 -6.68 -25.70
N TYR C 55 3.50 -7.00 -24.85
CA TYR C 55 3.31 -8.10 -23.93
C TYR C 55 2.58 -7.64 -22.68
N THR C 56 2.00 -8.60 -21.97
CA THR C 56 1.24 -8.29 -20.76
C THR C 56 2.14 -7.77 -19.64
N GLY C 57 1.64 -6.76 -18.92
CA GLY C 57 2.40 -6.17 -17.85
C GLY C 57 3.31 -5.04 -18.29
N VAL C 58 3.23 -4.65 -19.55
CA VAL C 58 4.05 -3.58 -20.11
C VAL C 58 3.20 -2.31 -20.19
N PRO C 59 3.65 -1.20 -19.61
CA PRO C 59 2.87 0.05 -19.66
C PRO C 59 2.56 0.46 -21.09
N ASP C 60 1.60 1.38 -21.22
CA ASP C 60 1.13 1.84 -22.52
C ASP C 60 2.15 2.70 -23.23
N ARG C 61 3.17 3.17 -22.51
CA ARG C 61 4.18 4.06 -23.05
C ARG C 61 5.19 3.35 -23.95
N PHE C 62 5.15 2.02 -24.02
CA PHE C 62 6.02 1.22 -24.88
C PHE C 62 5.25 0.73 -26.12
N THR C 63 5.72 1.09 -27.31
CA THR C 63 5.08 0.65 -28.56
C THR C 63 6.11 0.11 -29.54
N GLY C 64 5.62 -0.63 -30.53
CA GLY C 64 6.46 -1.19 -31.57
C GLY C 64 5.83 -1.05 -32.95
N SER C 65 6.71 -0.95 -33.97
CA SER C 65 6.27 -0.77 -35.34
C SER C 65 7.30 -1.34 -36.31
N GLY C 66 6.93 -1.38 -37.59
CA GLY C 66 7.76 -1.91 -38.66
C GLY C 66 7.18 -3.19 -39.25
N SER C 67 7.44 -3.39 -40.55
CA SER C 67 6.96 -4.58 -41.26
C SER C 67 7.87 -4.85 -42.45
N GLY C 68 8.68 -5.89 -42.34
CA GLY C 68 9.62 -6.29 -43.37
C GLY C 68 10.98 -6.66 -42.83
N THR C 69 11.91 -5.71 -42.80
CA THR C 69 13.25 -5.96 -42.29
C THR C 69 13.66 -5.04 -41.15
N ASP C 70 13.36 -3.74 -41.28
CA ASP C 70 13.69 -2.72 -40.28
C ASP C 70 12.51 -2.52 -39.33
N PHE C 71 12.79 -2.55 -38.03
CA PHE C 71 11.74 -2.42 -37.03
C PHE C 71 12.14 -1.37 -36.00
N THR C 72 11.13 -0.77 -35.35
CA THR C 72 11.33 0.36 -34.44
C THR C 72 10.57 0.22 -33.12
N PHE C 73 11.29 0.47 -32.02
CA PHE C 73 10.76 0.50 -30.65
C PHE C 73 10.65 1.93 -30.13
N THR C 74 9.43 2.34 -29.76
CA THR C 74 9.10 3.71 -29.41
C THR C 74 8.66 3.85 -27.95
N ILE C 75 9.19 4.85 -27.24
CA ILE C 75 8.73 5.22 -25.91
C ILE C 75 8.29 6.68 -25.96
N SER C 76 7.01 6.92 -25.61
CA SER C 76 6.44 8.27 -25.64
C SER C 76 6.79 9.07 -24.39
N SER C 77 6.61 8.48 -23.21
CA SER C 77 6.88 9.17 -21.95
C SER C 77 8.00 8.42 -21.25
N VAL C 78 9.23 8.89 -21.45
CA VAL C 78 10.38 8.26 -20.81
C VAL C 78 10.37 8.63 -19.34
N GLN C 79 10.52 7.63 -18.48
CA GLN C 79 10.57 7.84 -17.04
C GLN C 79 11.99 7.60 -16.56
N ALA C 80 12.23 7.96 -15.31
CA ALA C 80 13.57 7.79 -14.75
C ALA C 80 13.91 6.31 -14.63
N GLU C 81 12.89 5.46 -14.45
CA GLU C 81 13.09 4.03 -14.32
C GLU C 81 13.11 3.32 -15.67
N ASP C 82 12.86 4.04 -16.77
CA ASP C 82 12.95 3.45 -18.10
C ASP C 82 14.38 3.35 -18.58
N LEU C 83 15.33 3.79 -17.74
CA LEU C 83 16.75 3.72 -18.01
C LEU C 83 17.21 2.26 -18.09
N ALA C 84 17.52 1.78 -19.29
CA ALA C 84 17.92 0.39 -19.45
C ALA C 84 18.62 0.23 -20.80
N VAL C 85 19.07 -0.99 -21.07
CA VAL C 85 19.68 -1.35 -22.35
C VAL C 85 18.68 -2.21 -23.10
N TYR C 86 18.30 -1.77 -24.30
CA TYR C 86 17.27 -2.45 -25.09
C TYR C 86 17.88 -3.31 -26.20
N TYR C 87 17.40 -4.55 -26.32
CA TYR C 87 17.87 -5.49 -27.33
C TYR C 87 16.71 -5.83 -28.26
N CYS C 88 17.02 -6.08 -29.54
CA CYS C 88 16.05 -6.61 -30.49
C CYS C 88 16.45 -8.01 -30.95
N GLN C 89 15.45 -8.87 -31.15
CA GLN C 89 15.68 -10.28 -31.42
C GLN C 89 14.65 -10.80 -32.42
N GLN C 90 15.11 -11.55 -33.43
CA GLN C 90 14.22 -12.15 -34.42
C GLN C 90 13.72 -13.51 -33.93
N HIS C 91 12.49 -13.86 -34.34
CA HIS C 91 11.88 -15.12 -33.91
C HIS C 91 11.17 -15.82 -35.07
N TYR C 92 11.91 -16.15 -36.13
CA TYR C 92 11.31 -16.87 -37.25
C TYR C 92 12.23 -17.98 -37.75
N SER C 93 13.50 -17.65 -37.93
CA SER C 93 14.47 -18.59 -38.48
C SER C 93 15.37 -19.12 -37.37
N ILE C 94 15.69 -20.40 -37.46
CA ILE C 94 16.63 -21.01 -36.54
C ILE C 94 18.02 -20.77 -37.10
N PRO C 95 18.97 -20.24 -36.30
CA PRO C 95 18.80 -19.91 -34.89
C PRO C 95 18.28 -18.50 -34.63
N ARG C 96 17.79 -18.27 -33.42
CA ARG C 96 17.32 -16.96 -32.98
C ARG C 96 18.51 -16.08 -32.61
N THR C 97 18.64 -14.91 -33.25
CA THR C 97 19.74 -14.00 -32.97
C THR C 97 19.26 -12.70 -32.33
N PHE C 98 20.20 -11.98 -31.71
CA PHE C 98 19.92 -10.72 -31.04
C PHE C 98 20.69 -9.56 -31.66
N GLY C 99 20.26 -8.34 -31.28
CA GLY C 99 20.94 -7.11 -31.63
C GLY C 99 22.11 -6.79 -30.72
N GLY C 100 22.94 -5.84 -31.18
CA GLY C 100 24.13 -5.43 -30.43
C GLY C 100 23.85 -4.79 -29.08
N GLY C 101 22.67 -4.23 -28.88
CA GLY C 101 22.27 -3.58 -27.65
C GLY C 101 22.44 -2.06 -27.66
N THR C 102 21.35 -1.34 -27.41
CA THR C 102 21.32 0.12 -27.38
C THR C 102 21.08 0.68 -25.97
N LYS C 103 22.12 1.22 -25.35
CA LYS C 103 21.99 1.80 -24.01
C LYS C 103 21.30 3.17 -24.09
N LEU C 104 20.19 3.34 -23.37
CA LEU C 104 19.43 4.60 -23.39
C LEU C 104 19.88 5.44 -22.21
N GLU C 105 20.72 6.46 -22.47
CA GLU C 105 21.18 7.39 -21.46
C GLU C 105 20.30 8.63 -21.37
N ILE C 106 19.95 9.03 -20.15
CA ILE C 106 19.03 10.14 -19.90
C ILE C 106 19.79 11.46 -19.74
N LYS C 107 19.34 12.49 -20.45
CA LYS C 107 19.92 13.83 -20.43
C LYS C 107 19.12 14.75 -19.51
N ARG C 108 19.82 15.46 -18.62
CA ARG C 108 19.17 16.40 -17.71
C ARG C 108 20.05 17.63 -17.57
N ALA C 109 19.67 18.52 -16.64
CA ALA C 109 20.44 19.72 -16.36
C ALA C 109 21.70 19.37 -15.58
N ASP C 110 22.66 20.29 -15.62
CA ASP C 110 23.93 20.06 -14.93
C ASP C 110 23.74 20.02 -13.41
N ALA C 111 24.58 19.23 -12.75
CA ALA C 111 24.56 19.06 -11.30
C ALA C 111 25.98 19.14 -10.74
N ALA C 112 26.13 19.86 -9.64
CA ALA C 112 27.42 20.05 -8.98
C ALA C 112 27.88 18.78 -8.27
N PRO C 113 29.08 18.26 -8.58
CA PRO C 113 29.56 17.02 -7.94
C PRO C 113 29.88 17.24 -6.46
N THR C 114 29.18 16.50 -5.60
CA THR C 114 29.44 16.51 -4.16
C THR C 114 30.67 15.67 -3.87
N VAL C 115 31.76 16.32 -3.48
CA VAL C 115 33.04 15.66 -3.23
C VAL C 115 33.22 15.48 -1.74
N SER C 116 33.61 14.26 -1.33
CA SER C 116 33.84 13.95 0.07
C SER C 116 35.10 13.11 0.19
N ILE C 117 36.09 13.61 0.94
CA ILE C 117 37.37 12.93 1.12
C ILE C 117 37.29 12.11 2.41
N PHE C 118 37.95 10.95 2.43
CA PHE C 118 37.86 10.05 3.57
C PHE C 118 39.25 9.60 4.01
N PRO C 119 39.54 9.68 5.30
CA PRO C 119 40.81 9.21 5.84
C PRO C 119 40.82 7.72 6.08
N PRO C 120 41.98 7.08 5.97
CA PRO C 120 42.09 5.64 6.24
C PRO C 120 41.62 5.32 7.66
N SER C 121 40.78 4.30 7.78
CA SER C 121 40.22 3.88 9.05
C SER C 121 41.26 3.18 9.90
N SER C 122 40.92 3.03 11.19
CA SER C 122 41.85 2.38 12.11
C SER C 122 41.99 0.90 11.82
N GLU C 123 40.95 0.23 11.31
CA GLU C 123 41.11 -1.19 11.00
C GLU C 123 42.08 -1.40 9.84
N GLN C 124 42.12 -0.44 8.91
CA GLN C 124 43.06 -0.55 7.79
C GLN C 124 44.44 -0.08 8.23
N LEU C 125 44.51 0.91 9.11
CA LEU C 125 45.83 1.32 9.60
C LEU C 125 46.41 0.18 10.43
N THR C 126 45.51 -0.59 11.06
CA THR C 126 45.91 -1.76 11.84
C THR C 126 46.47 -2.83 10.92
N SER C 127 45.85 -3.02 9.76
CA SER C 127 46.35 -4.04 8.83
C SER C 127 47.70 -3.64 8.24
N GLY C 128 47.95 -2.35 8.08
CA GLY C 128 49.21 -1.86 7.54
C GLY C 128 49.04 -1.16 6.22
N GLY C 129 47.81 -0.73 5.93
CA GLY C 129 47.50 -0.02 4.72
C GLY C 129 46.75 1.26 5.05
N ALA C 130 46.65 2.14 4.06
CA ALA C 130 45.95 3.40 4.28
C ALA C 130 45.45 3.94 2.95
N SER C 131 44.14 3.95 2.75
CA SER C 131 43.57 4.39 1.49
C SER C 131 42.72 5.64 1.74
N VAL C 132 43.09 6.74 1.09
CA VAL C 132 42.31 7.97 1.14
C VAL C 132 41.30 7.92 0.01
N VAL C 133 40.03 8.13 0.33
CA VAL C 133 38.96 7.98 -0.66
C VAL C 133 38.43 9.37 -1.04
N CYS C 134 37.89 9.49 -2.25
CA CYS C 134 37.29 10.75 -2.68
C CYS C 134 36.05 10.42 -3.50
N PHE C 135 34.88 10.54 -2.85
CA PHE C 135 33.62 10.23 -3.50
C PHE C 135 33.09 11.48 -4.20
N LEU C 136 32.61 11.30 -5.43
CA LEU C 136 31.99 12.38 -6.20
C LEU C 136 30.59 11.93 -6.57
N ASN C 137 29.60 12.42 -5.84
CA ASN C 137 28.22 11.96 -5.94
C ASN C 137 27.31 13.02 -6.56
N ASN C 138 26.35 12.56 -7.36
CA ASN C 138 25.30 13.40 -7.93
C ASN C 138 25.81 14.57 -8.75
N PHE C 139 26.21 14.31 -9.99
CA PHE C 139 26.63 15.35 -10.91
C PHE C 139 26.23 14.95 -12.32
N TYR C 140 26.25 15.92 -13.22
CA TYR C 140 25.89 15.65 -14.60
C TYR C 140 26.51 16.70 -15.52
N PRO C 141 27.10 16.31 -16.66
CA PRO C 141 27.15 14.93 -17.16
C PRO C 141 28.31 14.10 -16.60
N LYS C 142 28.63 13.01 -17.30
CA LYS C 142 29.67 12.09 -16.83
C LYS C 142 31.05 12.73 -16.88
N ASP C 143 31.32 13.56 -17.89
CA ASP C 143 32.62 14.19 -18.04
C ASP C 143 32.94 15.06 -16.83
N ILE C 144 34.01 14.67 -16.12
CA ILE C 144 34.45 15.40 -14.93
C ILE C 144 35.91 15.03 -14.68
N ASN C 145 36.68 16.03 -14.29
CA ASN C 145 38.08 15.86 -13.97
C ASN C 145 38.21 15.67 -12.47
N VAL C 146 39.13 14.81 -12.07
CA VAL C 146 39.42 14.58 -10.66
C VAL C 146 40.92 14.73 -10.50
N LYS C 147 41.32 15.64 -9.64
CA LYS C 147 42.72 15.90 -9.39
C LYS C 147 43.00 15.63 -7.92
N TRP C 148 44.12 14.98 -7.66
CA TRP C 148 44.52 14.60 -6.31
C TRP C 148 45.63 15.49 -5.81
N LYS C 149 45.66 15.64 -4.49
CA LYS C 149 46.65 16.46 -3.81
C LYS C 149 46.99 15.79 -2.48
N ILE C 150 48.19 15.21 -2.40
CA ILE C 150 48.60 14.60 -1.14
C ILE C 150 48.89 15.70 -0.14
N ASP C 151 49.72 16.66 -0.54
CA ASP C 151 50.08 17.84 0.24
C ASP C 151 50.22 19.01 -0.73
N GLY C 152 49.21 19.19 -1.60
CA GLY C 152 49.21 20.23 -2.61
C GLY C 152 49.72 19.80 -3.98
N SER C 153 50.53 18.75 -4.05
CA SER C 153 51.06 18.24 -5.31
C SER C 153 50.09 17.27 -5.97
N GLU C 154 49.91 17.41 -7.29
CA GLU C 154 48.99 16.53 -8.00
C GLU C 154 49.52 15.11 -7.98
N ARG C 155 48.88 14.26 -7.19
CA ARG C 155 49.24 12.85 -7.11
C ARG C 155 48.52 12.12 -8.23
N GLN C 156 49.26 11.27 -8.94
CA GLN C 156 48.69 10.60 -10.08
C GLN C 156 48.89 9.09 -10.06
N ASN C 157 49.88 8.57 -9.33
CA ASN C 157 50.07 7.13 -9.25
C ASN C 157 49.21 6.61 -8.11
N GLY C 158 48.54 5.49 -8.36
CA GLY C 158 47.65 4.92 -7.38
C GLY C 158 46.27 5.53 -7.33
N VAL C 159 45.87 6.22 -8.40
CA VAL C 159 44.57 6.87 -8.47
C VAL C 159 43.69 6.04 -9.41
N LEU C 160 42.52 5.62 -8.92
CA LEU C 160 41.58 4.86 -9.74
C LEU C 160 40.22 5.54 -9.76
N ASN C 161 39.73 5.82 -10.97
CA ASN C 161 38.41 6.44 -11.15
C ASN C 161 37.42 5.35 -11.54
N SER C 162 36.30 5.29 -10.83
CA SER C 162 35.25 4.30 -11.08
C SER C 162 33.94 5.03 -11.29
N TRP C 163 33.45 5.04 -12.53
CA TRP C 163 32.17 5.67 -12.86
C TRP C 163 31.05 4.64 -12.75
N THR C 164 30.02 4.97 -11.99
CA THR C 164 28.85 4.12 -11.94
C THR C 164 27.96 4.42 -13.16
N ASP C 165 26.94 3.58 -13.36
CA ASP C 165 25.99 3.90 -14.42
C ASP C 165 25.07 5.03 -13.99
N GLN C 166 24.29 5.52 -14.95
CA GLN C 166 23.35 6.58 -14.68
C GLN C 166 22.30 6.12 -13.67
N ASP C 167 21.64 7.09 -13.03
CA ASP C 167 20.65 6.76 -12.01
C ASP C 167 19.27 6.60 -12.62
N SER C 168 18.43 5.84 -11.92
CA SER C 168 17.08 5.52 -12.36
C SER C 168 16.04 6.37 -11.64
N LYS C 169 16.47 7.32 -10.83
CA LYS C 169 15.59 8.18 -10.04
C LYS C 169 15.77 9.65 -10.39
N ASP C 170 17.00 10.14 -10.41
CA ASP C 170 17.30 11.54 -10.72
C ASP C 170 18.23 11.66 -11.92
N SER C 171 18.65 10.54 -12.49
CA SER C 171 19.55 10.51 -13.66
C SER C 171 20.84 11.27 -13.39
N THR C 172 21.53 10.89 -12.32
CA THR C 172 22.79 11.56 -11.98
C THR C 172 23.90 10.53 -11.81
N TYR C 173 24.97 10.69 -12.58
CA TYR C 173 26.14 9.83 -12.48
C TYR C 173 26.85 10.04 -11.15
N SER C 174 27.64 9.03 -10.75
CA SER C 174 28.43 9.12 -9.53
C SER C 174 29.70 8.32 -9.73
N MET C 175 30.84 8.89 -9.31
CA MET C 175 32.14 8.24 -9.49
C MET C 175 32.93 8.28 -8.19
N SER C 176 33.92 7.38 -8.11
CA SER C 176 34.80 7.32 -6.97
C SER C 176 36.25 7.39 -7.42
N SER C 177 36.99 8.34 -6.86
CA SER C 177 38.42 8.49 -7.11
C SER C 177 39.13 7.97 -5.87
N THR C 178 39.89 6.89 -6.02
CA THR C 178 40.54 6.23 -4.90
C THR C 178 42.04 6.43 -4.95
N LEU C 179 42.62 6.92 -3.85
CA LEU C 179 44.07 7.09 -3.71
C LEU C 179 44.57 6.16 -2.61
N THR C 180 45.10 5.01 -3.02
CA THR C 180 45.58 3.97 -2.10
C THR C 180 47.07 4.15 -1.80
N LEU C 181 47.42 4.22 -0.51
CA LEU C 181 48.82 4.38 -0.10
C LEU C 181 49.14 3.44 1.06
N THR C 182 50.43 3.33 1.35
CA THR C 182 50.92 2.52 2.45
C THR C 182 50.80 3.26 3.78
N LYS C 183 50.91 2.51 4.88
CA LYS C 183 50.81 3.09 6.22
C LYS C 183 52.01 3.98 6.54
N ASP C 184 53.21 3.55 6.16
CA ASP C 184 54.41 4.33 6.42
C ASP C 184 54.32 5.69 5.76
N GLU C 185 53.81 5.72 4.52
CA GLU C 185 53.68 6.97 3.80
C GLU C 185 52.51 7.78 4.35
N TYR C 186 51.51 7.11 4.94
CA TYR C 186 50.38 7.84 5.50
C TYR C 186 50.74 8.55 6.79
N GLU C 187 51.62 7.97 7.62
CA GLU C 187 51.97 8.63 8.87
C GLU C 187 53.13 9.61 8.70
N ARG C 188 53.47 9.98 7.46
CA ARG C 188 54.48 10.99 7.20
C ARG C 188 53.85 12.19 6.49
N HIS C 189 52.52 12.21 6.35
CA HIS C 189 51.80 13.30 5.73
C HIS C 189 50.51 13.51 6.51
N ASN C 190 49.95 14.72 6.40
CA ASN C 190 48.80 15.04 7.23
C ASN C 190 47.54 15.34 6.42
N SER C 191 47.40 16.60 6.00
CA SER C 191 46.19 17.11 5.34
C SER C 191 46.12 16.65 3.88
N TYR C 192 45.24 15.69 3.61
CA TYR C 192 45.00 15.24 2.25
C TYR C 192 43.91 16.11 1.61
N THR C 193 44.02 16.31 0.30
CA THR C 193 43.10 17.19 -0.42
C THR C 193 42.81 16.63 -1.80
N CYS C 194 41.54 16.40 -2.11
CA CYS C 194 41.11 16.03 -3.45
C CYS C 194 40.17 17.10 -4.01
N GLU C 195 40.36 17.44 -5.29
CA GLU C 195 39.58 18.48 -5.95
C GLU C 195 38.99 17.94 -7.24
N ALA C 196 37.87 18.54 -7.66
CA ALA C 196 37.14 18.10 -8.84
C ALA C 196 36.85 19.28 -9.75
N THR C 197 37.09 19.10 -11.04
CA THR C 197 36.81 20.12 -12.05
C THR C 197 35.63 19.64 -12.89
N HIS C 198 34.53 20.38 -12.83
CA HIS C 198 33.32 20.03 -13.55
C HIS C 198 32.88 21.22 -14.40
N LYS C 199 31.91 20.99 -15.29
CA LYS C 199 31.47 22.09 -16.15
C LYS C 199 30.44 22.97 -15.46
N THR C 200 29.97 22.59 -14.27
CA THR C 200 29.02 23.43 -13.54
C THR C 200 29.67 24.74 -13.09
N SER C 201 30.95 24.69 -12.73
CA SER C 201 31.69 25.87 -12.28
C SER C 201 33.15 25.74 -12.69
N THR C 202 33.77 26.89 -12.95
CA THR C 202 35.17 26.94 -13.37
C THR C 202 36.14 26.59 -12.27
N SER C 203 35.83 26.91 -11.01
CA SER C 203 36.74 26.64 -9.89
C SER C 203 36.56 25.24 -9.34
N PRO C 204 37.59 24.39 -9.40
CA PRO C 204 37.48 23.03 -8.87
C PRO C 204 37.16 23.02 -7.38
N ILE C 205 36.32 22.07 -6.98
CA ILE C 205 35.93 21.89 -5.58
C ILE C 205 37.07 21.20 -4.84
N VAL C 206 37.55 21.83 -3.77
CA VAL C 206 38.71 21.38 -3.02
C VAL C 206 38.26 20.90 -1.64
N LYS C 207 38.62 19.66 -1.31
CA LYS C 207 38.33 19.04 -0.01
C LYS C 207 39.61 18.60 0.69
N SER C 208 39.70 18.83 2.00
CA SER C 208 40.90 18.53 2.77
C SER C 208 40.55 18.01 4.17
N PHE C 209 41.42 17.16 4.70
CA PHE C 209 41.34 16.66 6.07
C PHE C 209 42.75 16.52 6.65
N ASN C 210 42.82 16.34 7.97
CA ASN C 210 44.09 16.16 8.68
C ASN C 210 44.25 14.74 9.23
N ARG C 211 45.49 14.22 9.19
CA ARG C 211 45.79 12.89 9.71
C ARG C 211 45.86 12.82 11.24
N ASN C 212 46.04 13.95 11.92
CA ASN C 212 46.34 13.89 13.36
C ASN C 212 45.02 13.68 14.09
N GLU C 213 44.55 12.43 14.00
CA GLU C 213 43.38 11.95 14.72
C GLU C 213 42.23 12.93 14.48
N CYS C 214 42.06 13.27 13.22
CA CYS C 214 41.05 14.19 12.69
C CYS C 214 40.76 15.36 13.63
C10 RFY D . -18.67 3.06 15.22
C17 RFY D . -17.26 8.08 12.91
C20 RFY D . -16.91 8.53 10.18
C21 RFY D . -17.85 7.60 10.62
C01 RFY D . -22.78 3.97 12.49
C02 RFY D . -23.75 4.45 11.40
C04 RFY D . -22.10 6.12 10.63
C05 RFY D . -21.10 5.63 11.68
C06 RFY D . -21.76 4.99 12.86
C07 RFY D . -20.63 4.29 13.72
C08 RFY D . -19.79 3.37 13.12
C09 RFY D . -18.81 2.75 13.88
C11 RFY D . -19.52 3.99 15.80
C12 RFY D . -20.50 4.60 15.06
C14 RFY D . -20.28 6.85 12.19
C16 RFY D . -18.02 7.38 11.99
C18 RFY D . -16.29 9.03 12.45
C19 RFY D . -16.12 9.24 11.12
C23 RFY D . -14.93 10.81 12.21
I13 RFY D . -17.18 2.13 16.38
N03 RFY D . -23.52 5.89 11.05
O15 RFY D . -18.96 6.45 12.42
O22 RFY D . -15.12 10.22 10.95
O24 RFY D . -15.40 9.86 13.15
#